data_7N0Z
#
_entry.id   7N0Z
#
_cell.length_a   70.779
_cell.length_b   101.159
_cell.length_c   148.946
_cell.angle_alpha   90.000
_cell.angle_beta   90.000
_cell.angle_gamma   90.000
#
_symmetry.space_group_name_H-M   'P 21 21 21'
#
loop_
_entity.id
_entity.type
_entity.pdbx_description
1 polymer 'Protein phosphatase 1H'
2 non-polymer 'MANGANESE (II) ION'
3 non-polymer 'MAGNESIUM ION'
4 water water
#
_entity_poly.entity_id   1
_entity_poly.type   'polypeptide(L)'
_entity_poly.pdbx_seq_one_letter_code
;GSHMSDLPLRFPYGRPEFLGLSQDEVEASADHIARPILILKETRRLPWATGYAEVINAGKSTHNEDQASCEVLTVKKKAG
AVTSTPNRNSSKRRSSLPNGEGLQLKENSESEGVSCHYWSLFDGHAGSGAAVVASRLLQHHITEQLQDIVDILKNSAVLG
SGSTRFFTEKKIPHECLVIGALESAFKEMDLQIERERSSYNISGGCTALIVICLLGKLYVANAGDSRAIIIRNGEIIPMS
SEFTPETERQRLQYLAFMQPHLLGNEFTHLEFPRRVQRKELGKKMLYRDFNMTGWAYKTIEDEDLKFPLIYGEGKKARVM
ATIGVTRGLGDHDLKVHDSNIYIKPFLSSAPEVRIYDLSKYDHGSDDVLILATDGLWDVLSNEEVAEAITQFLPNCDPDD
PHRYTLAAQDLVMRARGVLKDRGWRISNDRLGSGDDISVYVIPLIHGNKLS
;
_entity_poly.pdbx_strand_id   A,B
#
loop_
_chem_comp.id
_chem_comp.type
_chem_comp.name
_chem_comp.formula
MG non-polymer 'MAGNESIUM ION' 'Mg 2'
MN non-polymer 'MANGANESE (II) ION' 'Mn 2'
#
# COMPACT_ATOMS: atom_id res chain seq x y z
N HIS A 3 8.25 14.86 35.02
CA HIS A 3 9.70 14.75 35.08
C HIS A 3 10.37 15.66 34.05
N MET A 4 9.79 15.72 32.84
CA MET A 4 10.39 16.54 31.80
C MET A 4 10.21 18.02 32.07
N SER A 5 9.14 18.41 32.76
CA SER A 5 8.95 19.80 33.12
C SER A 5 9.94 20.27 34.19
N ASP A 6 10.78 19.37 34.70
CA ASP A 6 11.84 19.73 35.63
C ASP A 6 13.17 19.95 34.95
N LEU A 7 13.25 19.80 33.64
CA LEU A 7 14.52 19.79 32.92
C LEU A 7 14.65 21.00 32.01
N PRO A 8 15.87 21.43 31.71
CA PRO A 8 16.04 22.59 30.84
C PRO A 8 15.69 22.28 29.39
N LEU A 9 15.50 23.33 28.61
CA LEU A 9 15.24 23.19 27.19
C LEU A 9 16.50 22.71 26.47
N ARG A 10 16.30 21.82 25.48
CA ARG A 10 17.41 21.41 24.64
C ARG A 10 17.95 22.58 23.83
N PHE A 11 17.08 23.24 23.09
CA PHE A 11 17.38 24.46 22.36
C PHE A 11 16.35 25.52 22.73
N PRO A 12 16.72 26.80 22.69
CA PRO A 12 15.73 27.85 22.94
C PRO A 12 14.72 27.93 21.81
N TYR A 13 13.53 28.43 22.13
CA TYR A 13 12.53 28.62 21.09
C TYR A 13 12.96 29.74 20.15
N GLY A 14 12.57 29.61 18.90
CA GLY A 14 12.82 30.65 17.93
C GLY A 14 12.06 30.35 16.65
N ARG A 15 12.29 31.19 15.67
CA ARG A 15 11.79 31.00 14.31
C ARG A 15 12.89 30.41 13.46
N PRO A 16 12.57 29.97 12.23
CA PRO A 16 13.62 29.45 11.34
C PRO A 16 14.82 30.39 11.26
N GLU A 17 16.01 29.83 11.45
CA GLU A 17 17.21 30.64 11.60
C GLU A 17 17.51 31.45 10.34
N PHE A 18 17.18 30.92 9.16
CA PHE A 18 17.44 31.66 7.93
C PHE A 18 16.64 32.94 7.84
N LEU A 19 15.60 33.11 8.67
CA LEU A 19 14.88 34.38 8.71
C LEU A 19 15.75 35.49 9.29
N GLY A 20 16.68 35.14 10.18
CA GLY A 20 17.57 36.15 10.75
C GLY A 20 16.86 37.16 11.62
N LEU A 21 15.83 36.73 12.34
CA LEU A 21 15.06 37.63 13.18
C LEU A 21 15.76 37.84 14.51
N SER A 22 15.79 39.09 14.97
CA SER A 22 16.24 39.35 16.32
C SER A 22 15.20 38.85 17.32
N GLN A 23 15.57 38.88 18.60
CA GLN A 23 14.64 38.44 19.64
C GLN A 23 13.40 39.31 19.68
N ASP A 24 13.53 40.58 19.32
CA ASP A 24 12.38 41.49 19.34
C ASP A 24 11.49 41.29 18.11
N GLU A 25 12.08 40.95 16.96
CA GLU A 25 11.28 40.67 15.78
C GLU A 25 10.48 39.38 15.95
N VAL A 26 11.02 38.41 16.67
CA VAL A 26 10.30 37.17 16.93
C VAL A 26 9.03 37.47 17.72
N GLU A 27 9.16 38.25 18.80
CA GLU A 27 8.00 38.61 19.60
C GLU A 27 7.00 39.43 18.78
N ALA A 28 7.50 40.31 17.89
CA ALA A 28 6.61 41.09 17.04
C ALA A 28 5.83 40.20 16.08
N SER A 29 6.41 39.06 15.69
CA SER A 29 5.73 38.15 14.77
C SER A 29 4.65 37.32 15.46
N ALA A 30 4.77 37.10 16.76
CA ALA A 30 3.80 36.25 17.49
C ALA A 30 2.59 37.09 17.93
N ASP A 31 1.96 37.70 16.94
CA ASP A 31 0.80 38.56 17.16
C ASP A 31 -0.42 37.84 16.60
N HIS A 32 -1.25 37.29 17.50
CA HIS A 32 -2.36 36.45 17.07
C HIS A 32 -3.46 37.24 16.37
N ILE A 33 -3.48 38.56 16.52
CA ILE A 33 -4.55 39.38 15.96
C ILE A 33 -4.14 40.02 14.64
N ALA A 34 -2.95 40.63 14.59
CA ALA A 34 -2.47 41.17 13.32
C ALA A 34 -1.99 40.06 12.40
N ARG A 35 -1.48 38.95 12.96
CA ARG A 35 -0.94 37.80 12.25
C ARG A 35 -0.06 38.24 11.08
N PRO A 36 1.08 38.87 11.35
CA PRO A 36 1.93 39.35 10.24
C PRO A 36 2.57 38.19 9.50
N ILE A 37 2.54 38.25 8.18
CA ILE A 37 3.17 37.24 7.34
C ILE A 37 4.66 37.54 7.26
N LEU A 38 5.47 36.65 7.85
CA LEU A 38 6.92 36.79 7.76
C LEU A 38 7.41 36.20 6.44
N ILE A 39 8.28 36.94 5.76
CA ILE A 39 8.94 36.44 4.56
C ILE A 39 10.44 36.60 4.73
N LEU A 40 11.17 35.91 3.85
CA LEU A 40 12.62 36.02 3.82
C LEU A 40 13.03 37.40 3.35
N LYS A 41 13.92 38.05 4.10
CA LYS A 41 14.45 39.34 3.67
C LYS A 41 15.15 39.19 2.33
N GLU A 42 14.96 40.18 1.45
CA GLU A 42 15.70 40.18 0.18
C GLU A 42 17.19 40.14 0.42
N THR A 43 17.65 40.75 1.51
CA THR A 43 19.07 40.80 1.85
C THR A 43 19.64 39.44 2.23
N ARG A 44 18.80 38.45 2.49
CA ARG A 44 19.23 37.09 2.74
C ARG A 44 18.64 36.19 1.66
N ARG A 45 19.49 35.35 1.07
CA ARG A 45 19.06 34.44 0.02
C ARG A 45 19.13 33.01 0.52
N LEU A 46 18.12 32.22 0.19
CA LEU A 46 18.20 30.79 0.43
C LEU A 46 18.79 30.10 -0.78
N PRO A 47 19.34 28.91 -0.61
CA PRO A 47 19.80 28.13 -1.76
C PRO A 47 18.71 28.00 -2.81
N TRP A 48 19.12 28.05 -4.08
CA TRP A 48 18.22 27.97 -5.22
C TRP A 48 17.23 29.14 -5.29
N ALA A 49 17.50 30.23 -4.56
CA ALA A 49 16.56 31.33 -4.42
C ALA A 49 15.20 30.84 -3.92
N THR A 50 15.24 29.82 -3.07
CA THR A 50 14.02 29.24 -2.50
C THR A 50 13.19 30.32 -1.82
N GLY A 51 11.89 30.28 -2.06
CA GLY A 51 10.97 31.16 -1.39
C GLY A 51 10.42 30.56 -0.11
N TYR A 52 10.20 31.40 0.88
CA TYR A 52 9.63 30.95 2.14
C TYR A 52 8.75 32.04 2.72
N ALA A 53 7.65 31.62 3.36
CA ALA A 53 6.76 32.53 4.06
C ALA A 53 6.06 31.76 5.16
N GLU A 54 5.67 32.47 6.21
CA GLU A 54 5.00 31.85 7.35
C GLU A 54 4.12 32.86 8.05
N VAL A 55 3.18 32.35 8.84
CA VAL A 55 2.32 33.17 9.68
C VAL A 55 1.91 32.36 10.90
N ILE A 56 1.77 33.04 12.04
CA ILE A 56 1.41 32.37 13.28
C ILE A 56 -0.09 32.05 13.29
N ASN A 57 -0.46 31.08 14.11
CA ASN A 57 -1.85 30.70 14.26
C ASN A 57 -2.68 31.86 14.78
N ALA A 58 -4.00 31.72 14.68
CA ALA A 58 -4.94 32.76 15.07
C ALA A 58 -5.22 32.81 16.56
N GLY A 59 -4.51 32.00 17.36
CA GLY A 59 -4.58 32.15 18.80
C GLY A 59 -4.75 30.89 19.63
N LYS A 60 -4.52 29.72 19.04
CA LYS A 60 -4.73 28.48 19.79
C LYS A 60 -3.52 28.11 20.64
N SER A 61 -2.30 28.43 20.20
CA SER A 61 -1.11 28.25 21.00
C SER A 61 -0.32 29.55 20.99
N THR A 62 0.28 29.89 22.15
CA THR A 62 1.02 31.15 22.27
C THR A 62 2.15 31.23 21.26
N HIS A 63 2.82 30.10 21.06
CA HIS A 63 3.96 30.09 20.13
C HIS A 63 3.60 29.48 18.79
N ASN A 64 4.26 29.93 17.74
CA ASN A 64 4.19 29.25 16.45
C ASN A 64 4.94 27.93 16.55
N GLU A 65 4.24 26.82 16.38
CA GLU A 65 4.81 25.51 16.58
C GLU A 65 5.31 24.85 15.30
N ASP A 66 5.16 25.52 14.16
CA ASP A 66 5.87 25.10 12.96
C ASP A 66 7.34 25.49 13.06
N GLN A 67 8.21 24.62 12.58
CA GLN A 67 9.63 24.95 12.43
C GLN A 67 10.07 24.56 11.02
N ALA A 68 11.17 25.17 10.58
CA ALA A 68 11.65 24.99 9.22
C ALA A 68 13.16 25.16 9.19
N SER A 69 13.82 24.37 8.35
CA SER A 69 15.27 24.42 8.20
C SER A 69 15.64 24.21 6.75
N CYS A 70 16.67 24.92 6.30
CA CYS A 70 17.10 24.88 4.91
C CYS A 70 18.57 25.23 4.84
N GLU A 71 19.38 24.33 4.27
CA GLU A 71 20.81 24.55 4.14
C GLU A 71 21.36 23.61 3.08
N VAL A 72 22.65 23.74 2.80
CA VAL A 72 23.37 22.86 1.89
C VAL A 72 24.27 21.98 2.75
N LEU A 73 23.95 20.69 2.79
CA LEU A 73 24.78 19.76 3.54
C LEU A 73 26.00 19.35 2.72
N THR A 74 27.04 18.89 3.42
CA THR A 74 28.25 18.38 2.79
C THR A 74 28.53 16.99 3.35
N VAL A 75 28.50 15.98 2.49
CA VAL A 75 28.73 14.61 2.88
C VAL A 75 30.19 14.26 2.57
N LYS A 76 30.93 13.86 3.60
CA LYS A 76 32.34 13.56 3.44
C LYS A 76 32.55 12.10 3.08
N VAL A 114 30.35 15.47 -1.37
CA VAL A 114 29.27 15.84 -2.27
C VAL A 114 28.28 16.75 -1.55
N SER A 115 27.67 17.67 -2.31
CA SER A 115 26.69 18.60 -1.75
C SER A 115 25.31 17.96 -1.70
N CYS A 116 24.53 18.35 -0.69
CA CYS A 116 23.19 17.83 -0.50
C CYS A 116 22.31 18.97 -0.03
N HIS A 117 21.52 19.54 -0.94
CA HIS A 117 20.58 20.58 -0.57
C HIS A 117 19.48 20.00 0.29
N TYR A 118 19.04 20.75 1.29
CA TYR A 118 18.14 20.23 2.31
C TYR A 118 17.08 21.27 2.65
N TRP A 119 15.82 20.87 2.56
CA TRP A 119 14.68 21.67 3.01
C TRP A 119 13.85 20.83 3.96
N SER A 120 13.24 21.46 4.96
CA SER A 120 12.49 20.71 5.96
C SER A 120 11.41 21.57 6.58
N LEU A 121 10.28 20.93 6.89
CA LEU A 121 9.19 21.54 7.64
C LEU A 121 8.77 20.59 8.75
N PHE A 122 8.56 21.13 9.94
CA PHE A 122 8.10 20.37 11.10
C PHE A 122 6.90 21.08 11.70
N ASP A 123 5.80 20.35 11.84
CA ASP A 123 4.58 20.87 12.44
C ASP A 123 4.48 20.28 13.83
N GLY A 124 4.84 21.08 14.83
CA GLY A 124 4.80 20.61 16.19
C GLY A 124 3.41 20.64 16.78
N HIS A 125 3.19 19.79 17.79
CA HIS A 125 1.94 19.76 18.52
C HIS A 125 2.23 19.44 19.98
N ALA A 126 1.37 19.95 20.86
CA ALA A 126 1.50 19.76 22.31
C ALA A 126 2.86 20.26 22.81
N GLY A 127 3.31 21.39 22.27
CA GLY A 127 4.60 21.94 22.63
C GLY A 127 5.50 22.19 21.44
N SER A 128 6.51 23.03 21.61
CA SER A 128 7.43 23.39 20.55
C SER A 128 8.70 22.55 20.53
N GLY A 129 8.95 21.76 21.59
CA GLY A 129 10.27 21.20 21.80
C GLY A 129 10.72 20.26 20.70
N ALA A 130 9.87 19.31 20.32
CA ALA A 130 10.28 18.32 19.34
C ALA A 130 10.56 18.95 17.98
N ALA A 131 9.71 19.89 17.56
CA ALA A 131 9.90 20.53 16.26
C ALA A 131 11.16 21.38 16.22
N VAL A 132 11.49 22.03 17.33
CA VAL A 132 12.72 22.80 17.41
C VAL A 132 13.93 21.88 17.35
N VAL A 133 13.91 20.81 18.16
CA VAL A 133 15.01 19.85 18.16
C VAL A 133 15.18 19.23 16.78
N ALA A 134 14.07 18.85 16.16
CA ALA A 134 14.14 18.20 14.85
C ALA A 134 14.70 19.14 13.79
N SER A 135 14.31 20.42 13.83
CA SER A 135 14.76 21.39 12.84
C SER A 135 16.26 21.67 12.93
N ARG A 136 16.91 21.24 14.01
CA ARG A 136 18.33 21.49 14.20
C ARG A 136 19.20 20.25 14.11
N LEU A 137 18.64 19.06 14.37
CA LEU A 137 19.44 17.85 14.47
C LEU A 137 19.16 16.81 13.40
N LEU A 138 17.98 16.84 12.76
CA LEU A 138 17.67 15.83 11.76
C LEU A 138 18.64 15.90 10.59
N GLN A 139 19.01 17.11 10.17
CA GLN A 139 19.97 17.25 9.08
C GLN A 139 21.32 16.65 9.45
N HIS A 140 21.67 16.65 10.74
CA HIS A 140 22.92 16.02 11.18
C HIS A 140 22.83 14.51 11.09
N HIS A 141 21.66 13.94 11.40
CA HIS A 141 21.46 12.50 11.23
C HIS A 141 21.50 12.13 9.75
N ILE A 142 20.90 12.96 8.89
CA ILE A 142 20.91 12.69 7.46
C ILE A 142 22.33 12.70 6.92
N THR A 143 23.12 13.70 7.34
CA THR A 143 24.52 13.77 6.91
C THR A 143 25.30 12.54 7.39
N GLU A 144 25.02 12.07 8.60
CA GLU A 144 25.74 10.92 9.13
C GLU A 144 25.40 9.65 8.35
N GLN A 145 24.11 9.45 8.05
CA GLN A 145 23.69 8.25 7.34
C GLN A 145 24.19 8.25 5.90
N LEU A 146 24.14 9.40 5.23
CA LEU A 146 24.66 9.50 3.87
C LEU A 146 26.15 9.24 3.82
N GLN A 147 26.88 9.62 4.87
CA GLN A 147 28.32 9.41 4.91
C GLN A 147 28.69 7.93 4.89
N ASP A 148 27.78 7.06 5.31
CA ASP A 148 28.06 5.62 5.27
C ASP A 148 28.07 5.07 3.85
N ILE A 149 27.50 5.78 2.88
CA ILE A 149 27.28 5.22 1.55
C ILE A 149 27.76 6.18 0.46
N VAL A 150 28.59 7.17 0.82
CA VAL A 150 28.91 8.21 -0.14
C VAL A 150 29.96 7.74 -1.15
N ASP A 151 30.92 6.91 -0.72
CA ASP A 151 31.86 6.34 -1.68
C ASP A 151 31.14 5.56 -2.76
N ILE A 152 30.03 4.92 -2.41
CA ILE A 152 29.29 4.12 -3.37
C ILE A 152 28.56 5.01 -4.36
N LEU A 153 27.89 6.06 -3.85
CA LEU A 153 27.20 7.04 -4.69
C LEU A 153 28.11 7.64 -5.75
N LYS A 154 29.42 7.51 -5.60
CA LYS A 154 30.38 8.03 -6.56
C LYS A 154 30.98 6.91 -7.40
N ILE A 172 21.86 -3.42 -5.96
CA ILE A 172 21.00 -2.45 -5.31
C ILE A 172 21.24 -1.08 -5.92
N PRO A 173 20.20 -0.47 -6.49
CA PRO A 173 20.37 0.86 -7.09
C PRO A 173 20.72 1.88 -6.02
N HIS A 174 21.60 2.82 -6.38
CA HIS A 174 22.06 3.84 -5.43
C HIS A 174 20.90 4.57 -4.80
N GLU A 175 19.81 4.75 -5.55
CA GLU A 175 18.65 5.47 -5.04
C GLU A 175 18.05 4.77 -3.83
N CYS A 176 18.18 3.44 -3.77
CA CYS A 176 17.68 2.69 -2.62
C CYS A 176 18.57 2.86 -1.41
N LEU A 177 19.85 3.15 -1.60
CA LEU A 177 20.72 3.43 -0.45
C LEU A 177 20.43 4.81 0.13
N VAL A 178 20.10 5.77 -0.72
CA VAL A 178 19.73 7.10 -0.24
C VAL A 178 18.40 7.03 0.51
N ILE A 179 17.42 6.30 -0.05
CA ILE A 179 16.16 6.09 0.66
C ILE A 179 16.41 5.44 2.00
N GLY A 180 17.24 4.39 2.01
CA GLY A 180 17.56 3.73 3.28
C GLY A 180 18.24 4.65 4.26
N ALA A 181 19.07 5.57 3.76
CA ALA A 181 19.74 6.54 4.64
C ALA A 181 18.73 7.48 5.27
N LEU A 182 17.79 7.99 4.47
CA LEU A 182 16.78 8.91 5.00
C LEU A 182 15.88 8.20 6.01
N GLU A 183 15.53 6.94 5.73
CA GLU A 183 14.70 6.20 6.67
C GLU A 183 15.44 5.96 7.98
N SER A 184 16.74 5.63 7.90
CA SER A 184 17.52 5.45 9.11
C SER A 184 17.69 6.76 9.86
N ALA A 185 17.75 7.87 9.13
CA ALA A 185 17.94 9.18 9.77
C ALA A 185 16.73 9.57 10.59
N PHE A 186 15.52 9.36 10.06
CA PHE A 186 14.31 9.65 10.82
C PHE A 186 14.25 8.82 12.10
N LYS A 187 14.59 7.53 12.01
CA LYS A 187 14.56 6.67 13.19
C LYS A 187 15.58 7.12 14.23
N GLU A 188 16.81 7.39 13.79
CA GLU A 188 17.85 7.78 14.74
C GLU A 188 17.55 9.13 15.37
N MET A 189 16.86 10.03 14.66
CA MET A 189 16.44 11.28 15.27
C MET A 189 15.44 11.02 16.39
N ASP A 190 14.45 10.16 16.15
CA ASP A 190 13.47 9.84 17.17
C ASP A 190 14.12 9.11 18.34
N LEU A 191 15.10 8.25 18.06
CA LEU A 191 15.81 7.57 19.13
C LEU A 191 16.58 8.56 20.00
N GLN A 192 17.16 9.59 19.39
CA GLN A 192 17.89 10.58 20.17
C GLN A 192 16.95 11.40 21.06
N ILE A 193 15.80 11.81 20.50
CA ILE A 193 14.79 12.48 21.31
C ILE A 193 14.36 11.59 22.47
N GLU A 194 14.26 10.29 22.22
CA GLU A 194 13.78 9.36 23.24
C GLU A 194 14.72 9.30 24.44
N ARG A 195 16.03 9.25 24.21
CA ARG A 195 16.95 9.13 25.33
C ARG A 195 17.38 10.48 25.91
N GLU A 196 17.43 11.53 25.11
CA GLU A 196 17.66 12.87 25.66
C GLU A 196 16.43 13.41 26.37
N ARG A 197 15.30 12.73 26.23
CA ARG A 197 14.07 13.04 26.96
C ARG A 197 14.31 13.19 28.46
N SER A 198 15.25 12.44 29.00
CA SER A 198 15.50 12.39 30.44
C SER A 198 16.49 13.44 30.93
N SER A 199 17.11 14.20 30.01
CA SER A 199 17.98 15.31 30.38
C SER A 199 17.43 16.67 29.96
N TYR A 200 16.52 16.72 29.00
CA TYR A 200 16.01 17.98 28.48
C TYR A 200 14.50 17.90 28.28
N ASN A 201 13.85 19.06 28.40
CA ASN A 201 12.43 19.21 28.14
C ASN A 201 12.24 19.34 26.63
N ILE A 202 12.01 18.20 25.98
CA ILE A 202 11.68 18.15 24.55
C ILE A 202 10.18 17.85 24.49
N SER A 203 9.39 18.91 24.53
CA SER A 203 7.95 18.78 24.70
C SER A 203 7.27 18.36 23.41
N GLY A 204 6.17 17.60 23.56
CA GLY A 204 5.28 17.28 22.47
C GLY A 204 5.90 16.41 21.40
N GLY A 205 5.41 16.58 20.18
CA GLY A 205 5.91 15.87 19.03
C GLY A 205 5.77 16.74 17.80
N CYS A 206 6.11 16.18 16.64
CA CYS A 206 6.00 16.95 15.42
C CYS A 206 5.95 16.00 14.23
N THR A 207 5.30 16.47 13.16
CA THR A 207 5.44 15.84 11.86
C THR A 207 6.77 16.26 11.25
N ALA A 208 7.18 15.53 10.21
CA ALA A 208 8.46 15.80 9.56
C ALA A 208 8.31 15.60 8.05
N LEU A 209 8.48 16.69 7.31
CA LEU A 209 8.55 16.65 5.85
C LEU A 209 9.86 17.28 5.43
N ILE A 210 10.74 16.48 4.81
CA ILE A 210 12.03 16.96 4.36
C ILE A 210 12.21 16.58 2.90
N VAL A 211 13.10 17.31 2.23
CA VAL A 211 13.49 17.02 0.86
C VAL A 211 14.97 17.31 0.71
N ILE A 212 15.69 16.42 0.06
CA ILE A 212 17.08 16.64 -0.30
C ILE A 212 17.23 16.51 -1.81
N CYS A 213 18.14 17.31 -2.36
CA CYS A 213 18.59 17.17 -3.74
C CYS A 213 19.98 16.57 -3.69
N LEU A 214 20.12 15.36 -4.20
CA LEU A 214 21.38 14.62 -4.16
C LEU A 214 21.66 14.06 -5.54
N LEU A 215 22.70 14.57 -6.18
CA LEU A 215 23.16 14.06 -7.48
C LEU A 215 22.03 14.05 -8.50
N GLY A 216 21.39 15.21 -8.64
CA GLY A 216 20.38 15.41 -9.67
C GLY A 216 19.01 14.85 -9.36
N LYS A 217 18.75 14.43 -8.13
CA LYS A 217 17.47 13.81 -7.78
C LYS A 217 16.93 14.38 -6.47
N LEU A 218 15.63 14.66 -6.48
CA LEU A 218 14.92 15.12 -5.29
C LEU A 218 14.34 13.91 -4.56
N TYR A 219 14.60 13.84 -3.25
CA TYR A 219 14.00 12.82 -2.39
C TYR A 219 13.09 13.53 -1.39
N VAL A 220 11.80 13.24 -1.46
CA VAL A 220 10.81 13.82 -0.55
C VAL A 220 10.41 12.75 0.46
N ALA A 221 10.77 12.98 1.73
CA ALA A 221 10.50 12.04 2.81
C ALA A 221 9.50 12.66 3.77
N ASN A 222 8.34 12.01 3.93
CA ASN A 222 7.26 12.54 4.74
C ASN A 222 6.89 11.56 5.85
N ALA A 223 6.80 12.08 7.07
CA ALA A 223 6.27 11.35 8.23
C ALA A 223 5.33 12.32 8.96
N GLY A 224 4.10 12.41 8.48
CA GLY A 224 3.12 13.33 9.06
C GLY A 224 2.03 13.64 8.06
N ASP A 225 1.41 14.82 8.23
CA ASP A 225 0.33 15.23 7.36
C ASP A 225 0.56 16.58 6.70
N SER A 226 1.81 17.07 6.67
CA SER A 226 2.16 18.12 5.73
C SER A 226 2.17 17.54 4.32
N ARG A 227 2.33 18.41 3.32
CA ARG A 227 2.22 17.94 1.95
C ARG A 227 3.22 18.64 1.05
N ALA A 228 3.70 17.90 0.05
CA ALA A 228 4.60 18.41 -0.97
C ALA A 228 4.00 18.10 -2.34
N ILE A 229 3.94 19.10 -3.21
CA ILE A 229 3.49 18.91 -4.59
C ILE A 229 4.40 19.71 -5.53
N ILE A 230 4.51 19.22 -6.75
CA ILE A 230 5.26 19.88 -7.81
C ILE A 230 4.26 20.47 -8.80
N ILE A 231 4.47 21.74 -9.17
CA ILE A 231 3.69 22.39 -10.21
C ILE A 231 4.62 22.60 -11.40
N ARG A 232 4.40 21.84 -12.46
CA ARG A 232 5.27 21.81 -13.63
C ARG A 232 4.43 22.11 -14.87
N ASN A 233 4.61 23.28 -15.46
CA ASN A 233 3.80 23.71 -16.61
C ASN A 233 2.31 23.65 -16.29
N GLY A 234 1.96 23.82 -15.02
CA GLY A 234 0.58 23.90 -14.60
C GLY A 234 -0.03 22.60 -14.10
N GLU A 235 0.62 21.46 -14.32
CA GLU A 235 0.09 20.20 -13.82
C GLU A 235 0.60 19.93 -12.40
N ILE A 236 -0.21 19.21 -11.63
CA ILE A 236 0.10 18.92 -10.23
C ILE A 236 0.72 17.53 -10.16
N ILE A 237 1.94 17.45 -9.62
CA ILE A 237 2.63 16.19 -9.42
C ILE A 237 2.79 16.00 -7.91
N PRO A 238 2.02 15.12 -7.28
CA PRO A 238 2.14 14.95 -5.82
C PRO A 238 3.42 14.21 -5.46
N MET A 239 4.09 14.69 -4.42
CA MET A 239 5.34 14.10 -3.95
C MET A 239 5.23 13.57 -2.53
N SER A 240 4.03 13.46 -1.98
CA SER A 240 3.86 12.99 -0.62
C SER A 240 2.42 12.56 -0.41
N SER A 241 2.22 11.74 0.62
CA SER A 241 0.90 11.38 1.11
C SER A 241 0.88 11.57 2.62
N GLU A 242 -0.32 11.76 3.17
CA GLU A 242 -0.49 12.05 4.58
C GLU A 242 -0.80 10.76 5.35
N PHE A 243 -0.33 10.71 6.59
CA PHE A 243 -0.48 9.54 7.45
C PHE A 243 -1.39 9.91 8.61
N THR A 244 -2.62 9.38 8.58
CA THR A 244 -3.69 9.69 9.52
C THR A 244 -4.35 8.38 9.97
N PRO A 245 -5.22 8.40 10.99
CA PRO A 245 -5.96 7.17 11.33
C PRO A 245 -6.72 6.60 10.15
N GLU A 246 -7.09 7.45 9.19
CA GLU A 246 -7.83 7.00 8.03
C GLU A 246 -6.92 6.26 7.04
N THR A 247 -5.84 6.91 6.63
CA THR A 247 -4.93 6.31 5.65
C THR A 247 -4.13 5.15 6.22
N GLU A 248 -3.99 5.07 7.56
CA GLU A 248 -3.20 4.02 8.20
C GLU A 248 -4.08 3.05 8.99
N ARG A 249 -5.37 3.01 8.69
CA ARG A 249 -6.32 2.26 9.52
C ARG A 249 -5.93 0.79 9.64
N GLN A 250 -5.58 0.15 8.53
CA GLN A 250 -5.34 -1.28 8.55
C GLN A 250 -4.09 -1.63 9.36
N ARG A 251 -3.02 -0.85 9.20
CA ARG A 251 -1.83 -1.05 10.03
C ARG A 251 -2.15 -0.91 11.52
N LEU A 252 -2.93 0.12 11.87
CA LEU A 252 -3.26 0.36 13.28
C LEU A 252 -4.11 -0.77 13.85
N GLN A 253 -5.09 -1.24 13.08
CA GLN A 253 -5.92 -2.35 13.53
C GLN A 253 -5.11 -3.63 13.63
N TYR A 254 -4.22 -3.86 12.66
CA TYR A 254 -3.38 -5.07 12.67
C TYR A 254 -2.55 -5.14 13.95
N LEU A 255 -1.89 -4.04 14.30
CA LEU A 255 -1.09 -4.00 15.52
C LEU A 255 -1.95 -4.24 16.75
N ALA A 256 -3.14 -3.64 16.79
CA ALA A 256 -4.02 -3.82 17.94
C ALA A 256 -4.47 -5.27 18.06
N PHE A 257 -4.68 -5.95 16.94
CA PHE A 257 -5.06 -7.36 16.98
C PHE A 257 -3.90 -8.23 17.44
N MET A 258 -2.70 -7.97 16.90
CA MET A 258 -1.55 -8.81 17.23
C MET A 258 -1.02 -8.53 18.63
N GLN A 259 -1.22 -7.31 19.14
CA GLN A 259 -0.78 -6.93 20.49
C GLN A 259 -1.96 -6.36 21.26
N PRO A 260 -2.92 -7.20 21.65
CA PRO A 260 -4.13 -6.68 22.32
C PRO A 260 -3.84 -5.89 23.59
N HIS A 261 -2.75 -6.19 24.30
CA HIS A 261 -2.44 -5.49 25.55
C HIS A 261 -2.22 -3.99 25.33
N LEU A 262 -1.86 -3.58 24.11
CA LEU A 262 -1.74 -2.15 23.80
C LEU A 262 -3.07 -1.41 23.93
N LEU A 263 -4.18 -2.13 23.98
CA LEU A 263 -5.51 -1.52 24.07
C LEU A 263 -5.97 -1.30 25.51
N GLY A 264 -5.20 -1.77 26.49
CA GLY A 264 -5.52 -1.55 27.90
C GLY A 264 -6.92 -1.95 28.31
N ASN A 265 -7.50 -2.93 27.62
CA ASN A 265 -8.88 -3.38 27.85
C ASN A 265 -9.88 -2.23 27.78
N GLU A 266 -9.54 -1.17 27.04
CA GLU A 266 -10.40 0.00 26.89
C GLU A 266 -10.92 0.18 25.48
N PHE A 267 -10.22 -0.34 24.47
CA PHE A 267 -10.58 -0.13 23.09
C PHE A 267 -10.75 -1.46 22.37
N THR A 268 -11.51 -1.42 21.28
CA THR A 268 -11.60 -2.53 20.34
C THR A 268 -10.97 -2.11 19.02
N HIS A 269 -10.29 -3.05 18.38
CA HIS A 269 -9.65 -2.73 17.11
C HIS A 269 -10.63 -2.68 15.95
N LEU A 270 -11.86 -3.15 16.15
CA LEU A 270 -12.85 -3.15 15.08
C LEU A 270 -13.39 -1.75 14.83
N GLU A 271 -13.71 -1.48 13.57
CA GLU A 271 -14.33 -0.23 13.17
C GLU A 271 -15.80 -0.47 12.87
N PHE A 272 -16.63 0.51 13.19
CA PHE A 272 -18.06 0.46 13.00
C PHE A 272 -18.53 1.75 12.35
N PRO A 273 -19.68 1.74 11.66
CA PRO A 273 -20.10 2.95 10.94
C PRO A 273 -20.44 4.09 11.88
N ARG A 274 -20.85 3.79 13.11
CA ARG A 274 -21.12 4.79 14.12
C ARG A 274 -20.74 4.21 15.47
N ARG A 275 -20.91 4.99 16.52
CA ARG A 275 -20.66 4.49 17.87
C ARG A 275 -21.67 3.40 18.21
N VAL A 276 -21.16 2.25 18.63
CA VAL A 276 -22.01 1.12 19.01
C VAL A 276 -22.61 1.40 20.38
N GLN A 277 -23.92 1.22 20.51
CA GLN A 277 -24.61 1.47 21.77
C GLN A 277 -24.97 0.16 22.44
N ARG A 278 -25.05 0.21 23.77
CA ARG A 278 -25.34 -1.00 24.54
C ARG A 278 -26.66 -1.62 24.15
N LYS A 279 -27.65 -0.80 23.78
CA LYS A 279 -28.95 -1.31 23.36
C LYS A 279 -28.87 -2.11 22.07
N GLU A 280 -27.76 -2.06 21.36
CA GLU A 280 -27.56 -2.82 20.13
C GLU A 280 -26.91 -4.17 20.39
N LEU A 281 -26.75 -4.56 21.66
CA LEU A 281 -26.15 -5.83 22.01
C LEU A 281 -27.01 -6.99 21.50
N GLY A 282 -26.37 -7.96 20.87
CA GLY A 282 -27.07 -9.07 20.26
C GLY A 282 -27.60 -8.82 18.87
N LYS A 283 -27.46 -7.60 18.36
CA LYS A 283 -27.99 -7.21 17.06
C LYS A 283 -26.89 -7.23 16.01
N LYS A 284 -27.32 -7.17 14.75
CA LYS A 284 -26.41 -7.20 13.61
C LYS A 284 -25.97 -5.78 13.27
N MET A 285 -24.67 -5.60 13.05
CA MET A 285 -24.17 -4.31 12.57
C MET A 285 -23.03 -4.50 11.59
N LEU A 286 -22.84 -3.48 10.77
CA LEU A 286 -21.68 -3.43 9.89
C LEU A 286 -20.43 -3.18 10.71
N TYR A 287 -19.35 -3.86 10.34
CA TYR A 287 -18.05 -3.67 10.96
C TYR A 287 -16.99 -3.77 9.89
N ARG A 288 -15.77 -3.38 10.25
CA ARG A 288 -14.63 -3.54 9.37
C ARG A 288 -13.42 -3.94 10.19
N ASP A 289 -12.74 -5.01 9.76
CA ASP A 289 -11.55 -5.51 10.43
C ASP A 289 -10.31 -5.08 9.66
N PHE A 290 -9.14 -5.51 10.15
CA PHE A 290 -7.88 -5.02 9.59
C PHE A 290 -7.62 -5.58 8.20
N ASN A 291 -8.12 -6.79 7.92
CA ASN A 291 -7.92 -7.42 6.62
C ASN A 291 -9.04 -7.13 5.65
N MET A 292 -9.97 -6.25 6.01
CA MET A 292 -11.11 -5.91 5.17
C MET A 292 -10.96 -4.51 4.62
N THR A 293 -11.30 -4.35 3.34
CA THR A 293 -11.49 -3.04 2.75
C THR A 293 -12.95 -2.60 2.81
N GLY A 294 -13.89 -3.54 2.67
CA GLY A 294 -15.30 -3.25 2.76
C GLY A 294 -15.87 -3.55 4.13
N TRP A 295 -17.20 -3.62 4.18
CA TRP A 295 -17.94 -3.81 5.42
C TRP A 295 -18.81 -5.05 5.33
N ALA A 296 -18.95 -5.75 6.46
CA ALA A 296 -19.79 -6.94 6.54
C ALA A 296 -20.52 -6.92 7.88
N TYR A 297 -21.46 -7.85 8.04
CA TYR A 297 -22.33 -7.85 9.20
C TYR A 297 -21.80 -8.74 10.30
N LYS A 298 -22.19 -8.42 11.53
CA LYS A 298 -21.66 -9.07 12.72
C LYS A 298 -22.63 -8.88 13.87
N THR A 299 -22.75 -9.90 14.71
CA THR A 299 -23.51 -9.75 15.93
C THR A 299 -22.70 -8.97 16.96
N ILE A 300 -23.32 -7.92 17.51
CA ILE A 300 -22.64 -7.09 18.51
C ILE A 300 -22.48 -7.91 19.79
N GLU A 301 -21.27 -7.94 20.32
CA GLU A 301 -20.95 -8.83 21.45
C GLU A 301 -20.00 -8.14 22.42
N ASP A 302 -20.55 -7.59 23.50
CA ASP A 302 -19.84 -7.04 24.65
C ASP A 302 -18.52 -6.36 24.31
N GLU A 303 -17.56 -7.13 23.78
CA GLU A 303 -16.29 -6.56 23.36
C GLU A 303 -16.48 -5.41 22.39
N ASP A 304 -17.49 -5.50 21.53
CA ASP A 304 -17.77 -4.46 20.56
C ASP A 304 -18.28 -3.17 21.20
N LEU A 305 -18.64 -3.19 22.48
CA LEU A 305 -19.09 -1.98 23.16
C LEU A 305 -17.94 -1.09 23.57
N LYS A 306 -16.71 -1.59 23.59
CA LYS A 306 -15.55 -0.76 23.89
C LYS A 306 -15.40 0.34 22.85
N PHE A 307 -14.74 1.43 23.25
CA PHE A 307 -14.53 2.53 22.33
C PHE A 307 -13.66 2.08 21.16
N PRO A 308 -13.96 2.50 19.93
CA PRO A 308 -13.20 2.02 18.78
C PRO A 308 -11.81 2.63 18.72
N LEU A 309 -10.86 1.81 18.24
CA LEU A 309 -9.50 2.30 18.03
C LEU A 309 -9.48 3.43 17.00
N ILE A 310 -10.27 3.30 15.94
CA ILE A 310 -10.39 4.32 14.90
C ILE A 310 -11.81 4.86 14.93
N TYR A 311 -11.93 6.19 14.92
CA TYR A 311 -13.22 6.85 15.03
C TYR A 311 -13.14 8.21 14.36
N GLY A 312 -14.20 8.60 13.67
CA GLY A 312 -14.25 9.86 12.97
C GLY A 312 -13.85 9.72 11.51
N GLU A 313 -14.19 10.75 10.73
CA GLU A 313 -14.01 10.73 9.28
C GLU A 313 -13.19 11.94 8.84
N GLY A 314 -12.26 11.70 7.93
CA GLY A 314 -11.50 12.81 7.35
C GLY A 314 -10.58 13.45 8.37
N LYS A 315 -10.63 14.78 8.43
CA LYS A 315 -9.78 15.52 9.36
C LYS A 315 -10.18 15.31 10.82
N LYS A 316 -11.31 14.66 11.08
CA LYS A 316 -11.74 14.36 12.44
C LYS A 316 -11.41 12.93 12.85
N ALA A 317 -10.84 12.14 11.96
CA ALA A 317 -10.42 10.78 12.29
C ALA A 317 -9.38 10.80 13.40
N ARG A 318 -9.56 9.93 14.39
CA ARG A 318 -8.69 9.89 15.55
C ARG A 318 -8.34 8.46 15.92
N VAL A 319 -7.12 8.26 16.40
CA VAL A 319 -6.69 6.99 16.99
C VAL A 319 -6.88 7.11 18.49
N MET A 320 -7.62 6.15 19.06
CA MET A 320 -7.82 6.06 20.51
C MET A 320 -8.25 7.42 21.08
N ALA A 321 -9.11 8.11 20.33
CA ALA A 321 -9.74 9.37 20.72
C ALA A 321 -8.74 10.49 20.99
N THR A 322 -7.50 10.37 20.51
CA THR A 322 -6.45 11.28 20.95
C THR A 322 -5.80 12.06 19.83
N ILE A 323 -5.31 11.40 18.79
CA ILE A 323 -4.49 12.06 17.76
C ILE A 323 -5.06 11.78 16.38
N GLY A 324 -4.92 12.76 15.50
CA GLY A 324 -5.36 12.66 14.11
C GLY A 324 -4.24 12.50 13.11
N VAL A 325 -3.00 12.38 13.56
CA VAL A 325 -1.85 12.14 12.69
C VAL A 325 -1.02 11.04 13.32
N THR A 326 -0.61 10.07 12.50
CA THR A 326 -0.06 8.82 13.00
C THR A 326 1.44 8.66 12.80
N ARG A 327 2.13 9.65 12.21
CA ARG A 327 3.57 9.52 12.06
C ARG A 327 4.25 10.85 12.35
N GLY A 328 5.51 10.76 12.75
CA GLY A 328 6.30 11.91 13.11
C GLY A 328 7.31 11.54 14.18
N LEU A 329 7.73 12.57 14.93
CA LEU A 329 8.76 12.42 15.95
C LEU A 329 8.19 12.88 17.29
N GLY A 330 8.80 12.40 18.37
CA GLY A 330 8.39 12.80 19.70
C GLY A 330 7.20 11.99 20.22
N ASP A 331 6.43 12.61 21.11
CA ASP A 331 5.20 12.03 21.67
C ASP A 331 5.48 10.71 22.40
N HIS A 332 6.68 10.55 22.94
CA HIS A 332 7.05 9.27 23.54
C HIS A 332 6.21 8.96 24.78
N ASP A 333 5.85 9.99 25.56
CA ASP A 333 5.06 9.81 26.76
C ASP A 333 3.61 10.21 26.58
N LEU A 334 3.15 10.36 25.35
CA LEU A 334 1.77 10.76 25.10
C LEU A 334 0.82 9.64 25.52
N LYS A 335 -0.25 10.00 26.24
CA LYS A 335 -1.21 9.05 26.77
C LYS A 335 -2.62 9.40 26.32
N VAL A 336 -3.47 8.37 26.27
CA VAL A 336 -4.90 8.59 26.11
C VAL A 336 -5.42 9.39 27.29
N HIS A 337 -6.40 10.25 27.04
CA HIS A 337 -7.03 11.02 28.11
C HIS A 337 -7.55 10.11 29.21
N ASP A 338 -7.34 10.53 30.45
CA ASP A 338 -7.80 9.83 31.65
C ASP A 338 -7.56 8.32 31.57
N SER A 339 -6.32 7.96 31.25
CA SER A 339 -5.91 6.55 31.30
C SER A 339 -4.39 6.50 31.26
N ASN A 340 -3.85 5.29 31.34
CA ASN A 340 -2.42 5.06 31.31
C ASN A 340 -1.97 4.35 30.05
N ILE A 341 -2.82 4.31 29.03
CA ILE A 341 -2.49 3.68 27.75
C ILE A 341 -1.61 4.63 26.95
N TYR A 342 -0.50 4.11 26.44
CA TYR A 342 0.45 4.93 25.70
C TYR A 342 0.11 4.92 24.21
N ILE A 343 0.28 6.08 23.57
CA ILE A 343 -0.04 6.23 22.16
C ILE A 343 1.13 5.85 21.26
N LYS A 344 2.36 6.12 21.69
CA LYS A 344 3.54 5.96 20.84
C LYS A 344 3.64 4.60 20.14
N PRO A 345 3.26 3.46 20.75
CA PRO A 345 3.32 2.19 20.00
C PRO A 345 2.57 2.19 18.68
N PHE A 346 1.56 3.05 18.56
CA PHE A 346 0.81 3.16 17.31
C PHE A 346 1.36 4.22 16.36
N LEU A 347 2.33 5.01 16.81
CA LEU A 347 3.00 6.00 15.98
C LEU A 347 4.25 5.41 15.34
N SER A 348 4.67 6.02 14.23
CA SER A 348 5.88 5.60 13.54
C SER A 348 6.68 6.81 13.11
N SER A 349 8.00 6.72 13.24
CA SER A 349 8.90 7.74 12.73
C SER A 349 9.35 7.46 11.30
N ALA A 350 8.88 6.36 10.71
CA ALA A 350 9.37 5.93 9.41
C ALA A 350 8.74 6.75 8.30
N PRO A 351 9.52 7.42 7.46
CA PRO A 351 8.94 8.22 6.39
C PRO A 351 8.65 7.40 5.14
N GLU A 352 7.71 7.90 4.36
CA GLU A 352 7.55 7.49 2.98
C GLU A 352 8.41 8.40 2.11
N VAL A 353 9.21 7.80 1.23
CA VAL A 353 10.17 8.54 0.43
C VAL A 353 9.79 8.39 -1.03
N ARG A 354 9.67 9.52 -1.73
CA ARG A 354 9.38 9.56 -3.15
C ARG A 354 10.45 10.37 -3.87
N ILE A 355 10.80 9.92 -5.07
CA ILE A 355 11.92 10.47 -5.83
C ILE A 355 11.38 11.20 -7.05
N TYR A 356 11.99 12.33 -7.38
CA TYR A 356 11.73 13.06 -8.62
C TYR A 356 13.07 13.31 -9.30
N ASP A 357 13.26 12.70 -10.47
CA ASP A 357 14.51 12.83 -11.20
C ASP A 357 14.48 14.12 -12.00
N LEU A 358 15.29 15.09 -11.59
CA LEU A 358 15.31 16.42 -12.21
C LEU A 358 15.86 16.39 -13.63
N SER A 359 16.49 15.29 -14.06
CA SER A 359 17.12 15.28 -15.37
C SER A 359 16.13 14.95 -16.48
N LYS A 360 15.02 14.29 -16.17
CA LYS A 360 14.07 13.83 -17.18
C LYS A 360 13.14 14.92 -17.68
N TYR A 361 13.44 16.19 -17.39
CA TYR A 361 12.58 17.28 -17.79
C TYR A 361 13.37 18.58 -17.76
N ASP A 362 13.04 19.47 -18.70
CA ASP A 362 13.68 20.77 -18.83
C ASP A 362 12.77 21.82 -18.17
N HIS A 363 13.17 22.29 -16.99
CA HIS A 363 12.29 23.04 -16.12
C HIS A 363 12.36 24.54 -16.42
N GLY A 364 11.19 25.15 -16.58
CA GLY A 364 11.11 26.60 -16.70
C GLY A 364 11.19 27.29 -15.35
N SER A 365 11.27 28.62 -15.39
CA SER A 365 11.40 29.40 -14.16
C SER A 365 10.11 29.42 -13.35
N ASP A 366 9.02 28.86 -13.86
CA ASP A 366 7.76 28.80 -13.14
C ASP A 366 7.40 27.39 -12.68
N ASP A 367 8.29 26.42 -12.90
CA ASP A 367 8.10 25.08 -12.39
C ASP A 367 8.71 25.00 -10.99
N VAL A 368 7.87 24.69 -9.99
CA VAL A 368 8.25 24.84 -8.60
C VAL A 368 7.82 23.60 -7.81
N LEU A 369 8.47 23.43 -6.66
CA LEU A 369 8.10 22.42 -5.68
C LEU A 369 7.57 23.14 -4.44
N ILE A 370 6.35 22.83 -4.05
CA ILE A 370 5.70 23.48 -2.92
C ILE A 370 5.76 22.53 -1.72
N LEU A 371 6.28 23.03 -0.61
CA LEU A 371 6.20 22.36 0.69
C LEU A 371 5.41 23.24 1.64
N ALA A 372 4.45 22.65 2.33
CA ALA A 372 3.63 23.42 3.26
C ALA A 372 3.11 22.51 4.36
N THR A 373 2.93 23.10 5.54
CA THR A 373 2.25 22.43 6.64
C THR A 373 0.74 22.43 6.38
N ASP A 374 0.01 21.64 7.18
CA ASP A 374 -1.42 21.53 6.96
C ASP A 374 -2.17 22.84 7.21
N GLY A 375 -1.50 23.87 7.74
CA GLY A 375 -2.14 25.17 7.85
C GLY A 375 -2.49 25.76 6.50
N LEU A 376 -1.81 25.32 5.44
CA LEU A 376 -2.18 25.70 4.08
C LEU A 376 -3.18 24.72 3.49
N TRP A 377 -2.87 23.43 3.54
CA TRP A 377 -3.66 22.43 2.84
C TRP A 377 -5.02 22.18 3.47
N ASP A 378 -5.23 22.61 4.71
CA ASP A 378 -6.53 22.40 5.33
C ASP A 378 -7.62 23.32 4.76
N VAL A 379 -7.26 24.34 4.00
CA VAL A 379 -8.26 25.28 3.47
C VAL A 379 -8.04 25.54 1.98
N LEU A 380 -6.91 25.11 1.43
CA LEU A 380 -6.65 25.23 0.00
C LEU A 380 -6.39 23.85 -0.58
N SER A 381 -7.03 23.57 -1.71
CA SER A 381 -6.79 22.32 -2.43
C SER A 381 -5.53 22.44 -3.28
N ASN A 382 -5.06 21.29 -3.78
CA ASN A 382 -3.93 21.30 -4.69
C ASN A 382 -4.23 22.13 -5.93
N GLU A 383 -5.49 22.18 -6.36
CA GLU A 383 -5.84 22.91 -7.56
C GLU A 383 -5.86 24.42 -7.31
N GLU A 384 -6.25 24.85 -6.11
CA GLU A 384 -6.19 26.28 -5.78
C GLU A 384 -4.75 26.75 -5.65
N VAL A 385 -3.89 25.92 -5.06
CA VAL A 385 -2.47 26.27 -4.96
C VAL A 385 -1.85 26.35 -6.35
N ALA A 386 -2.14 25.35 -7.19
CA ALA A 386 -1.64 25.36 -8.56
C ALA A 386 -2.13 26.59 -9.31
N GLU A 387 -3.42 26.88 -9.21
CA GLU A 387 -3.99 28.07 -9.85
C GLU A 387 -3.27 29.32 -9.39
N ALA A 388 -3.11 29.48 -8.07
CA ALA A 388 -2.50 30.68 -7.52
C ALA A 388 -1.06 30.83 -7.98
N ILE A 389 -0.27 29.75 -7.89
CA ILE A 389 1.13 29.80 -8.29
C ILE A 389 1.26 30.21 -9.75
N THR A 390 0.57 29.49 -10.63
CA THR A 390 0.65 29.77 -12.07
C THR A 390 0.04 31.11 -12.43
N GLN A 391 -0.77 31.70 -11.55
CA GLN A 391 -1.33 33.02 -11.79
C GLN A 391 -0.38 34.14 -11.35
N PHE A 392 0.44 33.88 -10.35
CA PHE A 392 1.28 34.91 -9.72
C PHE A 392 2.65 35.02 -10.37
N LEU A 393 3.35 33.89 -10.52
CA LEU A 393 4.71 33.91 -11.04
C LEU A 393 4.86 34.60 -12.40
N PRO A 394 3.90 34.52 -13.36
CA PRO A 394 4.08 35.26 -14.62
C PRO A 394 4.01 36.77 -14.49
N ASN A 395 3.80 37.28 -13.28
CA ASN A 395 3.84 38.71 -13.04
C ASN A 395 5.17 39.18 -12.48
N CYS A 396 6.10 38.27 -12.21
CA CYS A 396 7.41 38.59 -11.68
C CYS A 396 8.45 38.39 -12.76
N ASP A 397 9.36 39.36 -12.90
CA ASP A 397 10.44 39.23 -13.87
C ASP A 397 11.18 37.91 -13.63
N PRO A 398 11.45 37.13 -14.68
CA PRO A 398 12.06 35.81 -14.47
C PRO A 398 13.40 35.85 -13.76
N ASP A 399 14.11 36.98 -13.80
CA ASP A 399 15.39 37.12 -13.14
C ASP A 399 15.27 37.70 -11.73
N ASP A 400 14.09 38.15 -11.33
CA ASP A 400 13.88 38.63 -9.97
C ASP A 400 14.11 37.50 -8.99
N PRO A 401 15.08 37.60 -8.08
CA PRO A 401 15.32 36.51 -7.13
C PRO A 401 14.40 36.50 -5.92
N HIS A 402 13.70 37.59 -5.64
CA HIS A 402 12.71 37.64 -4.57
C HIS A 402 11.36 37.10 -5.00
N ARG A 403 11.30 36.47 -6.16
CA ARG A 403 10.05 36.21 -6.86
C ARG A 403 9.37 34.94 -6.37
N TYR A 404 10.14 33.97 -5.86
CA TYR A 404 9.54 32.79 -5.26
C TYR A 404 9.14 33.04 -3.82
N THR A 405 9.82 33.98 -3.15
CA THR A 405 9.39 34.40 -1.82
C THR A 405 8.05 35.13 -1.89
N LEU A 406 7.85 35.96 -2.92
CA LEU A 406 6.56 36.61 -3.10
C LEU A 406 5.47 35.60 -3.47
N ALA A 407 5.84 34.52 -4.16
CA ALA A 407 4.87 33.48 -4.45
C ALA A 407 4.45 32.74 -3.19
N ALA A 408 5.42 32.46 -2.30
CA ALA A 408 5.10 31.84 -1.02
C ALA A 408 4.28 32.77 -0.14
N GLN A 409 4.58 34.07 -0.19
CA GLN A 409 3.77 35.05 0.53
C GLN A 409 2.34 35.07 0.01
N ASP A 410 2.18 34.94 -1.31
CA ASP A 410 0.84 34.93 -1.89
C ASP A 410 0.05 33.71 -1.45
N LEU A 411 0.72 32.56 -1.31
CA LEU A 411 0.02 31.34 -0.89
C LEU A 411 -0.42 31.45 0.56
N VAL A 412 0.45 31.95 1.43
CA VAL A 412 0.09 32.11 2.84
C VAL A 412 -1.07 33.08 2.99
N MET A 413 -1.01 34.21 2.28
CA MET A 413 -2.07 35.21 2.36
C MET A 413 -3.41 34.64 1.89
N ARG A 414 -3.40 33.80 0.86
CA ARG A 414 -4.65 33.22 0.38
C ARG A 414 -5.23 32.23 1.37
N ALA A 415 -4.40 31.54 2.14
CA ALA A 415 -4.89 30.60 3.13
C ALA A 415 -5.25 31.29 4.45
N ARG A 416 -4.55 32.37 4.80
CA ARG A 416 -4.81 33.06 6.05
C ARG A 416 -6.06 33.92 5.98
N GLY A 417 -6.29 34.58 4.84
CA GLY A 417 -7.46 35.40 4.67
C GLY A 417 -7.34 36.75 5.35
N VAL A 418 -8.50 37.36 5.59
CA VAL A 418 -8.60 38.65 6.25
C VAL A 418 -9.52 38.50 7.45
N LEU A 419 -9.30 39.33 8.46
CA LEU A 419 -10.01 39.22 9.74
C LEU A 419 -11.34 39.97 9.63
N LYS A 420 -12.43 39.22 9.46
CA LYS A 420 -13.75 39.80 9.37
C LYS A 420 -14.37 39.87 10.78
N ASP A 421 -15.67 40.12 10.84
CA ASP A 421 -16.33 40.24 12.15
C ASP A 421 -16.40 38.90 12.86
N ARG A 422 -16.70 37.83 12.13
CA ARG A 422 -16.83 36.50 12.71
C ARG A 422 -15.59 35.64 12.48
N GLY A 423 -14.43 36.27 12.35
CA GLY A 423 -13.18 35.53 12.24
C GLY A 423 -12.45 35.75 10.93
N TRP A 424 -11.51 34.84 10.63
CA TRP A 424 -10.70 34.97 9.44
C TRP A 424 -11.41 34.32 8.26
N ARG A 425 -11.48 35.06 7.15
CA ARG A 425 -12.25 34.65 5.98
C ARG A 425 -11.39 34.79 4.72
N ILE A 426 -11.48 33.79 3.85
CA ILE A 426 -10.80 33.83 2.56
C ILE A 426 -11.85 33.94 1.46
N SER A 427 -11.49 33.59 0.23
CA SER A 427 -12.40 33.75 -0.88
C SER A 427 -13.66 32.92 -0.70
N ASN A 428 -14.79 33.45 -1.20
CA ASN A 428 -16.10 32.81 -1.14
C ASN A 428 -16.62 32.71 0.30
N ASP A 429 -16.33 33.71 1.12
CA ASP A 429 -16.73 33.77 2.53
C ASP A 429 -16.24 32.58 3.35
N ARG A 430 -15.46 31.69 2.73
CA ARG A 430 -14.98 30.51 3.43
C ARG A 430 -14.15 30.91 4.65
N LEU A 431 -14.06 29.97 5.59
CA LEU A 431 -13.28 30.19 6.80
C LEU A 431 -11.79 30.15 6.46
N GLY A 432 -11.06 31.17 6.92
CA GLY A 432 -9.62 31.16 6.78
C GLY A 432 -8.95 30.21 7.75
N SER A 433 -7.67 29.93 7.47
CA SER A 433 -6.90 29.02 8.31
C SER A 433 -6.48 29.71 9.59
N GLY A 434 -6.86 29.14 10.73
CA GLY A 434 -6.45 29.65 12.02
C GLY A 434 -5.17 29.07 12.56
N ASP A 435 -4.50 28.24 11.76
CA ASP A 435 -3.33 27.48 12.15
C ASP A 435 -2.04 28.26 11.85
N ASP A 436 -0.93 27.75 12.38
CA ASP A 436 0.37 28.13 11.84
C ASP A 436 0.46 27.68 10.39
N ILE A 437 1.02 28.53 9.54
CA ILE A 437 1.16 28.23 8.11
C ILE A 437 2.61 28.49 7.71
N SER A 438 3.24 27.50 7.08
CA SER A 438 4.60 27.65 6.58
C SER A 438 4.68 27.08 5.16
N VAL A 439 5.30 27.82 4.24
CA VAL A 439 5.30 27.45 2.83
C VAL A 439 6.69 27.65 2.24
N TYR A 440 7.21 26.61 1.58
CA TYR A 440 8.38 26.71 0.71
C TYR A 440 7.93 26.75 -0.74
N VAL A 441 8.61 27.56 -1.55
CA VAL A 441 8.45 27.54 -3.00
C VAL A 441 9.84 27.36 -3.60
N ILE A 442 10.12 26.17 -4.11
CA ILE A 442 11.46 25.78 -4.54
C ILE A 442 11.46 25.74 -6.07
N PRO A 443 12.22 26.62 -6.74
CA PRO A 443 12.22 26.66 -8.21
C PRO A 443 13.05 25.53 -8.80
N LEU A 444 12.40 24.66 -9.56
CA LEU A 444 13.04 23.46 -10.09
C LEU A 444 13.99 23.75 -11.25
N ILE A 445 14.03 24.97 -11.76
CA ILE A 445 14.98 25.29 -12.82
C ILE A 445 16.40 25.04 -12.34
N HIS A 446 16.67 25.29 -11.06
CA HIS A 446 18.01 25.16 -10.52
C HIS A 446 18.50 23.71 -10.53
N GLY A 447 17.59 22.74 -10.67
CA GLY A 447 17.96 21.35 -10.80
C GLY A 447 18.13 20.86 -12.22
N ASN A 448 18.03 21.75 -13.20
CA ASN A 448 18.24 21.37 -14.59
C ASN A 448 19.66 20.89 -14.80
N LYS A 449 19.81 19.73 -15.44
CA LYS A 449 21.11 19.14 -15.70
C LYS A 449 22.00 20.08 -16.52
N ASP B 6 -5.93 -43.31 6.25
CA ASP B 6 -6.21 -41.88 6.20
C ASP B 6 -7.70 -41.59 6.23
N LEU B 7 -8.04 -40.32 6.09
CA LEU B 7 -9.40 -39.80 6.14
C LEU B 7 -10.04 -39.81 4.76
N PRO B 8 -11.36 -39.86 4.68
CA PRO B 8 -12.03 -39.84 3.37
C PRO B 8 -11.89 -38.48 2.70
N LEU B 9 -12.01 -38.50 1.37
CA LEU B 9 -11.97 -37.26 0.60
C LEU B 9 -13.25 -36.46 0.84
N ARG B 10 -13.10 -35.14 0.93
CA ARG B 10 -14.27 -34.27 1.04
C ARG B 10 -15.04 -34.20 -0.26
N PHE B 11 -14.33 -34.25 -1.39
CA PHE B 11 -14.92 -34.34 -2.72
C PHE B 11 -14.03 -35.22 -3.56
N PRO B 12 -14.58 -35.92 -4.54
CA PRO B 12 -13.72 -36.67 -5.47
C PRO B 12 -12.91 -35.73 -6.33
N TYR B 13 -11.69 -36.14 -6.66
CA TYR B 13 -10.88 -35.36 -7.58
C TYR B 13 -11.54 -35.33 -8.95
N GLY B 14 -11.35 -34.22 -9.65
CA GLY B 14 -11.87 -34.10 -10.99
C GLY B 14 -11.31 -32.91 -11.72
N ARG B 15 -11.95 -32.58 -12.83
CA ARG B 15 -11.66 -31.41 -13.63
C ARG B 15 -12.90 -30.51 -13.61
N PRO B 16 -12.78 -29.23 -14.01
CA PRO B 16 -13.94 -28.34 -14.02
C PRO B 16 -15.18 -28.97 -14.63
N GLU B 17 -16.31 -28.84 -13.92
CA GLU B 17 -17.53 -29.53 -14.33
C GLU B 17 -17.97 -29.09 -15.74
N PHE B 18 -17.79 -27.81 -16.06
CA PHE B 18 -18.23 -27.33 -17.36
C PHE B 18 -17.46 -27.94 -18.52
N LEU B 19 -16.39 -28.68 -18.25
CA LEU B 19 -15.69 -29.42 -19.29
C LEU B 19 -16.44 -30.67 -19.73
N GLY B 20 -17.56 -30.99 -19.07
CA GLY B 20 -18.40 -32.12 -19.43
C GLY B 20 -17.66 -33.43 -19.57
N LEU B 21 -16.56 -33.58 -18.83
CA LEU B 21 -15.73 -34.76 -18.95
C LEU B 21 -16.35 -35.94 -18.21
N SER B 22 -16.22 -37.12 -18.80
CA SER B 22 -16.47 -38.36 -18.09
C SER B 22 -15.23 -38.75 -17.29
N GLN B 23 -15.35 -39.82 -16.50
CA GLN B 23 -14.21 -40.28 -15.74
C GLN B 23 -13.08 -40.78 -16.63
N ASP B 24 -13.42 -41.39 -17.77
CA ASP B 24 -12.38 -41.89 -18.68
C ASP B 24 -11.64 -40.76 -19.38
N GLU B 25 -12.32 -39.64 -19.65
CA GLU B 25 -11.66 -38.52 -20.31
C GLU B 25 -10.67 -37.82 -19.37
N VAL B 26 -10.98 -37.79 -18.07
CA VAL B 26 -10.08 -37.17 -17.11
C VAL B 26 -8.75 -37.94 -17.05
N GLU B 27 -8.84 -39.26 -16.96
CA GLU B 27 -7.64 -40.08 -16.89
C GLU B 27 -6.77 -39.90 -18.13
N ALA B 28 -7.39 -39.81 -19.31
CA ALA B 28 -6.62 -39.63 -20.54
C ALA B 28 -6.00 -38.24 -20.60
N SER B 29 -6.69 -37.23 -20.05
CA SER B 29 -6.18 -35.86 -20.12
C SER B 29 -4.93 -35.66 -19.28
N ALA B 30 -4.67 -36.53 -18.31
CA ALA B 30 -3.56 -36.37 -17.37
C ALA B 30 -2.28 -37.02 -17.89
N ASP B 31 -1.94 -36.74 -19.14
CA ASP B 31 -0.74 -37.28 -19.76
C ASP B 31 0.38 -36.25 -19.61
N HIS B 32 1.40 -36.59 -18.80
CA HIS B 32 2.50 -35.67 -18.57
C HIS B 32 3.41 -35.52 -19.78
N ILE B 33 3.32 -36.42 -20.76
CA ILE B 33 4.20 -36.39 -21.93
C ILE B 33 3.52 -35.71 -23.11
N ALA B 34 2.31 -36.14 -23.47
CA ALA B 34 1.60 -35.50 -24.56
C ALA B 34 1.06 -34.14 -24.15
N ARG B 35 0.60 -34.02 -22.91
CA ARG B 35 0.05 -32.77 -22.38
C ARG B 35 -1.05 -32.20 -23.28
N PRO B 36 -2.17 -32.89 -23.44
CA PRO B 36 -3.23 -32.39 -24.31
C PRO B 36 -3.91 -31.17 -23.70
N ILE B 37 -4.23 -30.21 -24.56
CA ILE B 37 -4.89 -28.98 -24.14
C ILE B 37 -6.40 -29.20 -24.19
N LEU B 38 -7.04 -29.18 -23.02
CA LEU B 38 -8.48 -29.36 -22.93
C LEU B 38 -9.19 -28.03 -23.10
N ILE B 39 -10.24 -28.02 -23.93
CA ILE B 39 -11.02 -26.81 -24.17
C ILE B 39 -12.49 -27.10 -23.95
N LEU B 40 -13.23 -26.03 -23.66
CA LEU B 40 -14.69 -26.07 -23.61
C LEU B 40 -15.25 -26.57 -24.94
N LYS B 41 -15.99 -27.69 -24.90
CA LYS B 41 -16.67 -28.17 -26.09
C LYS B 41 -17.50 -27.06 -26.70
N GLU B 42 -17.54 -27.00 -28.03
CA GLU B 42 -18.37 -26.00 -28.70
C GLU B 42 -19.84 -26.19 -28.37
N THR B 43 -20.27 -27.44 -28.19
CA THR B 43 -21.65 -27.73 -27.79
C THR B 43 -21.98 -27.24 -26.39
N ARG B 44 -20.98 -26.78 -25.62
CA ARG B 44 -21.16 -26.31 -24.27
CA ARG B 44 -21.16 -26.32 -24.26
C ARG B 44 -20.84 -24.82 -24.21
N ARG B 45 -21.82 -24.01 -23.84
CA ARG B 45 -21.63 -22.57 -23.74
C ARG B 45 -21.58 -22.18 -22.27
N LEU B 46 -20.61 -21.36 -21.91
CA LEU B 46 -20.45 -20.79 -20.58
C LEU B 46 -21.14 -19.44 -20.51
N PRO B 47 -21.36 -18.91 -19.31
CA PRO B 47 -21.91 -17.55 -19.20
C PRO B 47 -21.07 -16.56 -19.98
N TRP B 48 -21.74 -15.68 -20.72
CA TRP B 48 -21.12 -14.68 -21.59
C TRP B 48 -20.29 -15.32 -22.70
N ALA B 49 -20.53 -16.60 -23.03
CA ALA B 49 -19.70 -17.32 -24.00
C ALA B 49 -18.22 -17.27 -23.62
N THR B 50 -17.96 -17.34 -22.32
CA THR B 50 -16.60 -17.29 -21.81
C THR B 50 -15.76 -18.43 -22.39
N GLY B 51 -14.52 -18.12 -22.75
CA GLY B 51 -13.59 -19.13 -23.22
C GLY B 51 -12.82 -19.76 -22.07
N TYR B 52 -12.56 -21.06 -22.20
CA TYR B 52 -11.74 -21.78 -21.23
C TYR B 52 -10.86 -22.79 -21.94
N ALA B 53 -9.63 -22.92 -21.45
CA ALA B 53 -8.71 -23.96 -21.89
C ALA B 53 -7.75 -24.27 -20.75
N GLU B 54 -7.23 -25.49 -20.73
CA GLU B 54 -6.31 -25.89 -19.68
C GLU B 54 -5.38 -27.00 -20.19
N VAL B 55 -4.31 -27.24 -19.44
CA VAL B 55 -3.39 -28.33 -19.73
C VAL B 55 -2.69 -28.72 -18.43
N ILE B 56 -2.34 -30.00 -18.33
CA ILE B 56 -1.69 -30.52 -17.13
C ILE B 56 -0.21 -30.16 -17.14
N ASN B 57 0.38 -30.19 -15.94
CA ASN B 57 1.81 -29.95 -15.76
C ASN B 57 2.63 -31.04 -16.45
N ALA B 58 3.94 -30.79 -16.52
CA ALA B 58 4.86 -31.67 -17.22
C ALA B 58 5.51 -32.72 -16.32
N GLY B 59 5.06 -32.86 -15.07
CA GLY B 59 5.55 -33.96 -14.26
C GLY B 59 5.67 -33.77 -12.77
N LYS B 60 5.45 -32.55 -12.27
CA LYS B 60 5.71 -32.28 -10.86
C LYS B 60 4.65 -32.89 -9.94
N SER B 61 3.43 -33.07 -10.43
CA SER B 61 2.39 -33.72 -9.65
C SER B 61 1.54 -34.58 -10.57
N THR B 62 1.22 -35.79 -10.12
CA THR B 62 0.49 -36.74 -10.96
C THR B 62 -0.86 -36.19 -11.40
N HIS B 63 -1.50 -35.37 -10.58
CA HIS B 63 -2.77 -34.76 -10.91
C HIS B 63 -2.57 -33.31 -11.33
N ASN B 64 -3.48 -32.83 -12.17
CA ASN B 64 -3.60 -31.40 -12.39
C ASN B 64 -4.13 -30.78 -11.11
N GLU B 65 -3.36 -29.86 -10.51
CA GLU B 65 -3.75 -29.25 -9.25
C GLU B 65 -4.42 -27.89 -9.43
N ASP B 66 -4.61 -27.45 -10.67
CA ASP B 66 -5.51 -26.33 -10.93
C ASP B 66 -6.96 -26.79 -10.80
N GLN B 67 -7.82 -25.86 -10.39
CA GLN B 67 -9.26 -26.10 -10.41
C GLN B 67 -9.96 -24.83 -10.87
N ALA B 68 -11.20 -24.99 -11.33
CA ALA B 68 -11.96 -23.87 -11.86
C ALA B 68 -13.45 -24.18 -11.78
N SER B 69 -14.25 -23.13 -11.64
CA SER B 69 -15.70 -23.24 -11.48
C SER B 69 -16.35 -21.98 -12.02
N CYS B 70 -17.49 -22.14 -12.69
CA CYS B 70 -18.12 -21.02 -13.38
C CYS B 70 -19.60 -21.29 -13.51
N GLU B 71 -20.42 -20.43 -12.91
CA GLU B 71 -21.86 -20.63 -12.87
C GLU B 71 -22.56 -19.30 -12.61
N VAL B 72 -23.88 -19.33 -12.64
CA VAL B 72 -24.73 -18.18 -12.37
C VAL B 72 -25.36 -18.38 -10.99
N LEU B 73 -24.98 -17.53 -10.05
CA LEU B 73 -25.47 -17.65 -8.68
C LEU B 73 -26.79 -16.90 -8.52
N THR B 74 -27.65 -17.43 -7.66
CA THR B 74 -28.88 -16.76 -7.27
C THR B 74 -28.71 -16.18 -5.88
N VAL B 75 -28.91 -14.87 -5.76
CA VAL B 75 -28.78 -14.19 -4.48
C VAL B 75 -30.15 -13.95 -3.86
N VAL B 114 -31.30 -11.60 -6.71
CA VAL B 114 -30.72 -11.16 -7.97
C VAL B 114 -29.70 -12.21 -8.44
N SER B 115 -29.48 -12.29 -9.76
CA SER B 115 -28.52 -13.25 -10.30
C SER B 115 -27.11 -12.65 -10.28
N CYS B 116 -26.12 -13.54 -10.25
CA CYS B 116 -24.73 -13.12 -10.05
C CYS B 116 -23.82 -14.07 -10.83
N HIS B 117 -23.20 -13.55 -11.89
CA HIS B 117 -22.25 -14.35 -12.66
C HIS B 117 -20.97 -14.55 -11.88
N TYR B 118 -20.36 -15.73 -12.03
CA TYR B 118 -19.26 -16.13 -11.17
C TYR B 118 -18.24 -16.93 -11.97
N TRP B 119 -16.98 -16.50 -11.93
CA TRP B 119 -15.84 -17.23 -12.49
C TRP B 119 -14.78 -17.39 -11.42
N SER B 120 -14.13 -18.56 -11.37
CA SER B 120 -13.13 -18.82 -10.34
C SER B 120 -12.00 -19.68 -10.88
N LEU B 121 -10.80 -19.43 -10.35
CA LEU B 121 -9.59 -20.21 -10.65
C LEU B 121 -8.84 -20.45 -9.35
N PHE B 122 -8.41 -21.69 -9.13
CA PHE B 122 -7.65 -22.06 -7.95
C PHE B 122 -6.42 -22.83 -8.38
N ASP B 123 -5.26 -22.46 -7.81
CA ASP B 123 -3.98 -23.09 -8.12
C ASP B 123 -3.54 -23.84 -6.87
N GLY B 124 -3.74 -25.16 -6.87
CA GLY B 124 -3.38 -25.95 -5.72
C GLY B 124 -1.90 -26.27 -5.66
N HIS B 125 -1.45 -26.59 -4.45
CA HIS B 125 -0.07 -27.01 -4.23
C HIS B 125 -0.04 -28.00 -3.07
N ALA B 126 0.92 -28.93 -3.14
CA ALA B 126 1.09 -29.98 -2.13
C ALA B 126 -0.16 -30.83 -1.97
N GLY B 127 -0.84 -31.11 -3.08
CA GLY B 127 -2.08 -31.85 -3.07
C GLY B 127 -3.18 -31.14 -3.83
N SER B 128 -4.23 -31.87 -4.20
CA SER B 128 -5.34 -31.32 -4.96
C SER B 128 -6.56 -31.04 -4.09
N GLY B 129 -6.50 -31.37 -2.81
CA GLY B 129 -7.71 -31.34 -1.99
C GLY B 129 -8.25 -29.94 -1.77
N ALA B 130 -7.38 -29.01 -1.36
CA ALA B 130 -7.85 -27.66 -1.06
C ALA B 130 -8.41 -26.98 -2.30
N ALA B 131 -7.77 -27.18 -3.46
CA ALA B 131 -8.27 -26.58 -4.69
C ALA B 131 -9.62 -27.16 -5.07
N VAL B 132 -9.83 -28.46 -4.83
CA VAL B 132 -11.10 -29.10 -5.18
C VAL B 132 -12.22 -28.58 -4.28
N VAL B 133 -11.98 -28.57 -2.97
CA VAL B 133 -12.99 -28.09 -2.03
C VAL B 133 -13.38 -26.65 -2.34
N ALA B 134 -12.38 -25.81 -2.64
CA ALA B 134 -12.67 -24.40 -2.89
C ALA B 134 -13.46 -24.19 -4.17
N SER B 135 -13.25 -25.05 -5.18
CA SER B 135 -13.98 -24.91 -6.44
C SER B 135 -15.44 -25.32 -6.33
N ARG B 136 -15.83 -25.97 -5.24
CA ARG B 136 -17.23 -26.33 -5.03
C ARG B 136 -17.94 -25.50 -3.99
N LEU B 137 -17.22 -24.96 -3.00
CA LEU B 137 -17.85 -24.38 -1.82
C LEU B 137 -17.66 -22.88 -1.67
N LEU B 138 -16.69 -22.27 -2.36
CA LEU B 138 -16.50 -20.83 -2.21
C LEU B 138 -17.68 -20.04 -2.77
N GLN B 139 -18.34 -20.56 -3.80
CA GLN B 139 -19.51 -19.86 -4.33
C GLN B 139 -20.68 -19.89 -3.35
N HIS B 140 -20.82 -20.97 -2.57
CA HIS B 140 -21.86 -21.00 -1.54
C HIS B 140 -21.58 -19.98 -0.45
N HIS B 141 -20.31 -19.85 -0.04
CA HIS B 141 -19.95 -18.83 0.93
C HIS B 141 -20.18 -17.43 0.37
N ILE B 142 -19.83 -17.22 -0.91
CA ILE B 142 -20.07 -15.93 -1.55
C ILE B 142 -21.57 -15.66 -1.62
N THR B 143 -22.35 -16.66 -2.02
CA THR B 143 -23.80 -16.49 -2.10
C THR B 143 -24.39 -16.09 -0.77
N GLU B 144 -23.95 -16.75 0.31
CA GLU B 144 -24.52 -16.48 1.64
C GLU B 144 -24.14 -15.08 2.12
N GLN B 145 -22.90 -14.66 1.87
CA GLN B 145 -22.49 -13.32 2.28
C GLN B 145 -23.25 -12.24 1.51
N LEU B 146 -23.52 -12.47 0.23
CA LEU B 146 -24.29 -11.53 -0.56
C LEU B 146 -25.76 -11.48 -0.15
N GLN B 147 -26.28 -12.55 0.44
CA GLN B 147 -27.68 -12.56 0.87
C GLN B 147 -27.91 -11.71 2.11
N ASP B 148 -26.85 -11.43 2.88
CA ASP B 148 -26.97 -10.53 4.02
C ASP B 148 -27.21 -9.09 3.60
N ILE B 149 -26.88 -8.73 2.36
CA ILE B 149 -26.88 -7.34 1.92
C ILE B 149 -27.69 -7.10 0.66
N VAL B 150 -28.33 -8.14 0.10
CA VAL B 150 -28.95 -8.00 -1.22
C VAL B 150 -30.09 -7.00 -1.19
N ASP B 151 -30.78 -6.88 -0.06
CA ASP B 151 -31.86 -5.89 0.05
C ASP B 151 -31.33 -4.47 -0.09
N ILE B 152 -30.20 -4.17 0.55
CA ILE B 152 -29.62 -2.84 0.47
C ILE B 152 -29.28 -2.47 -0.97
N LEU B 153 -28.83 -3.45 -1.75
CA LEU B 153 -28.44 -3.20 -3.13
C LEU B 153 -29.62 -2.84 -4.03
N LYS B 154 -30.85 -2.95 -3.54
CA LYS B 154 -32.03 -2.67 -4.35
C LYS B 154 -32.86 -1.53 -3.77
N LYS B 170 -21.68 7.62 8.98
CA LYS B 170 -20.87 7.27 7.84
C LYS B 170 -21.68 6.59 6.74
N LYS B 171 -21.62 7.14 5.53
CA LYS B 171 -22.34 6.57 4.39
C LYS B 171 -21.47 5.50 3.74
N ILE B 172 -21.98 4.28 3.69
CA ILE B 172 -21.26 3.14 3.13
C ILE B 172 -21.72 2.96 1.69
N PRO B 173 -20.87 3.21 0.69
CA PRO B 173 -21.26 2.89 -0.69
C PRO B 173 -21.56 1.41 -0.84
N HIS B 174 -22.49 1.11 -1.75
CA HIS B 174 -22.92 -0.28 -1.95
C HIS B 174 -21.76 -1.16 -2.40
N GLU B 175 -20.85 -0.60 -3.21
CA GLU B 175 -19.68 -1.35 -3.65
C GLU B 175 -18.91 -1.91 -2.46
N CYS B 176 -18.82 -1.13 -1.38
CA CYS B 176 -18.06 -1.57 -0.21
C CYS B 176 -18.74 -2.74 0.49
N LEU B 177 -20.07 -2.85 0.36
CA LEU B 177 -20.76 -4.00 0.94
C LEU B 177 -20.49 -5.27 0.14
N VAL B 178 -20.40 -5.15 -1.19
CA VAL B 178 -20.03 -6.30 -2.01
C VAL B 178 -18.61 -6.74 -1.69
N ILE B 179 -17.69 -5.76 -1.61
CA ILE B 179 -16.29 -6.07 -1.31
C ILE B 179 -16.17 -6.76 0.03
N GLY B 180 -16.85 -6.23 1.05
CA GLY B 180 -16.84 -6.88 2.35
C GLY B 180 -17.44 -8.27 2.34
N ALA B 181 -18.45 -8.49 1.49
CA ALA B 181 -19.05 -9.82 1.39
C ALA B 181 -18.07 -10.82 0.78
N LEU B 182 -17.31 -10.39 -0.24
CA LEU B 182 -16.30 -11.25 -0.83
C LEU B 182 -15.19 -11.54 0.18
N GLU B 183 -14.71 -10.50 0.88
CA GLU B 183 -13.67 -10.67 1.88
C GLU B 183 -14.08 -11.67 2.95
N SER B 184 -15.31 -11.55 3.44
CA SER B 184 -15.80 -12.49 4.45
C SER B 184 -15.95 -13.90 3.88
N ALA B 185 -16.33 -14.02 2.60
CA ALA B 185 -16.53 -15.34 2.02
C ALA B 185 -15.23 -16.13 1.91
N PHE B 186 -14.15 -15.45 1.48
CA PHE B 186 -12.84 -16.08 1.48
C PHE B 186 -12.47 -16.58 2.87
N LYS B 187 -12.58 -15.71 3.87
CA LYS B 187 -12.25 -16.07 5.25
C LYS B 187 -13.08 -17.25 5.75
N GLU B 188 -14.39 -17.22 5.46
CA GLU B 188 -15.26 -18.30 5.93
C GLU B 188 -14.98 -19.60 5.20
N MET B 189 -14.53 -19.55 3.95
CA MET B 189 -14.14 -20.77 3.25
C MET B 189 -12.94 -21.42 3.93
N ASP B 190 -11.93 -20.61 4.29
CA ASP B 190 -10.73 -21.14 4.91
C ASP B 190 -11.04 -21.69 6.30
N LEU B 191 -11.97 -21.07 7.02
CA LEU B 191 -12.35 -21.58 8.33
C LEU B 191 -13.05 -22.93 8.24
N GLN B 192 -13.87 -23.12 7.18
CA GLN B 192 -14.48 -24.42 6.96
C GLN B 192 -13.43 -25.47 6.67
N ILE B 193 -12.45 -25.15 5.82
CA ILE B 193 -11.35 -26.08 5.58
C ILE B 193 -10.64 -26.41 6.89
N GLU B 194 -10.44 -25.41 7.75
CA GLU B 194 -9.64 -25.62 8.96
C GLU B 194 -10.28 -26.65 9.88
N ARG B 195 -11.61 -26.64 10.00
CA ARG B 195 -12.25 -27.57 10.93
C ARG B 195 -12.66 -28.87 10.28
N GLU B 196 -13.03 -28.87 8.99
CA GLU B 196 -13.25 -30.14 8.31
C GLU B 196 -11.95 -30.85 7.98
N ARG B 197 -10.82 -30.14 8.07
CA ARG B 197 -9.47 -30.69 7.92
C ARG B 197 -9.30 -31.97 8.73
N SER B 198 -9.90 -32.02 9.92
CA SER B 198 -9.69 -33.11 10.84
C SER B 198 -10.51 -34.35 10.52
N SER B 199 -11.53 -34.22 9.67
CA SER B 199 -12.39 -35.35 9.32
C SER B 199 -12.31 -35.79 7.88
N TYR B 200 -11.89 -34.90 6.97
CA TYR B 200 -11.69 -35.25 5.57
C TYR B 200 -10.26 -34.96 5.16
N ASN B 201 -9.76 -35.75 4.22
CA ASN B 201 -8.43 -35.53 3.66
C ASN B 201 -8.53 -34.39 2.64
N ILE B 202 -8.28 -33.17 3.12
CA ILE B 202 -8.22 -32.00 2.26
C ILE B 202 -6.76 -31.58 2.14
N SER B 203 -6.06 -32.12 1.14
CA SER B 203 -4.61 -31.99 1.08
C SER B 203 -4.18 -30.60 0.65
N GLY B 204 -3.04 -30.17 1.18
CA GLY B 204 -2.30 -29.00 0.72
C GLY B 204 -3.04 -27.68 0.88
N GLY B 205 -2.75 -26.76 -0.04
CA GLY B 205 -3.39 -25.46 -0.07
C GLY B 205 -3.65 -25.05 -1.51
N CYS B 206 -4.13 -23.82 -1.67
CA CYS B 206 -4.44 -23.33 -3.00
C CYS B 206 -4.59 -21.81 -2.98
N THR B 207 -4.21 -21.19 -4.09
CA THR B 207 -4.53 -19.79 -4.32
C THR B 207 -5.96 -19.68 -4.85
N ALA B 208 -6.50 -18.47 -4.81
CA ALA B 208 -7.89 -18.25 -5.20
C ALA B 208 -8.03 -16.93 -5.93
N LEU B 209 -8.50 -17.00 -7.17
CA LEU B 209 -8.83 -15.84 -7.98
C LEU B 209 -10.26 -16.01 -8.50
N ILE B 210 -11.15 -15.10 -8.11
CA ILE B 210 -12.55 -15.18 -8.51
C ILE B 210 -13.01 -13.84 -9.05
N VAL B 211 -14.04 -13.89 -9.89
CA VAL B 211 -14.69 -12.71 -10.44
C VAL B 211 -16.20 -12.92 -10.32
N ILE B 212 -16.92 -11.86 -9.95
CA ILE B 212 -18.36 -11.85 -10.03
C ILE B 212 -18.81 -10.60 -10.77
N CYS B 213 -19.89 -10.72 -11.53
CA CYS B 213 -20.55 -9.58 -12.16
C CYS B 213 -21.88 -9.38 -11.45
N LEU B 214 -22.01 -8.24 -10.77
CA LEU B 214 -23.17 -7.98 -9.91
C LEU B 214 -23.64 -6.55 -10.16
N LEU B 215 -24.88 -6.42 -10.63
CA LEU B 215 -25.52 -5.13 -10.86
C LEU B 215 -24.65 -4.20 -11.69
N GLY B 216 -24.15 -4.74 -12.80
CA GLY B 216 -23.42 -3.97 -13.79
C GLY B 216 -21.96 -3.75 -13.51
N LYS B 217 -21.38 -4.39 -12.49
CA LYS B 217 -19.99 -4.17 -12.14
C LYS B 217 -19.27 -5.50 -11.96
N LEU B 218 -18.00 -5.54 -12.37
CA LEU B 218 -17.15 -6.69 -12.13
C LEU B 218 -16.35 -6.48 -10.85
N TYR B 219 -16.29 -7.51 -10.02
CA TYR B 219 -15.47 -7.50 -8.82
C TYR B 219 -14.44 -8.62 -8.95
N VAL B 220 -13.17 -8.24 -8.99
CA VAL B 220 -12.07 -9.19 -9.14
C VAL B 220 -11.35 -9.29 -7.79
N ALA B 221 -11.43 -10.47 -7.17
CA ALA B 221 -10.89 -10.72 -5.84
C ALA B 221 -9.80 -11.78 -5.93
N ASN B 222 -8.60 -11.44 -5.46
CA ASN B 222 -7.42 -12.29 -5.63
C ASN B 222 -6.74 -12.54 -4.29
N ALA B 223 -6.45 -13.81 -4.02
CA ALA B 223 -5.66 -14.24 -2.86
C ALA B 223 -4.68 -15.31 -3.37
N GLY B 224 -3.57 -14.87 -3.91
CA GLY B 224 -2.58 -15.78 -4.47
C GLY B 224 -1.73 -15.06 -5.50
N ASP B 225 -1.17 -15.84 -6.43
CA ASP B 225 -0.32 -15.28 -7.48
C ASP B 225 -0.81 -15.62 -8.88
N SER B 226 -2.09 -15.98 -9.02
CA SER B 226 -2.72 -15.91 -10.33
C SER B 226 -2.97 -14.44 -10.68
N ARG B 227 -3.39 -14.19 -11.91
CA ARG B 227 -3.48 -12.81 -12.36
C ARG B 227 -4.68 -12.60 -13.26
N ALA B 228 -5.29 -11.43 -13.16
CA ALA B 228 -6.39 -11.00 -14.01
C ALA B 228 -6.00 -9.68 -14.68
N ILE B 229 -6.14 -9.62 -16.00
CA ILE B 229 -5.96 -8.37 -16.73
C ILE B 229 -7.09 -8.20 -17.73
N ILE B 230 -7.42 -6.94 -18.01
CA ILE B 230 -8.37 -6.58 -19.05
C ILE B 230 -7.59 -6.04 -20.24
N ILE B 231 -7.97 -6.48 -21.44
CA ILE B 231 -7.45 -5.93 -22.68
C ILE B 231 -8.62 -5.24 -23.38
N ARG B 232 -8.51 -3.93 -23.54
CA ARG B 232 -9.60 -3.08 -24.01
C ARG B 232 -9.05 -2.15 -25.07
N ASN B 233 -9.45 -2.37 -26.32
CA ASN B 233 -8.94 -1.61 -27.46
C ASN B 233 -7.41 -1.62 -27.46
N GLY B 234 -6.84 -2.79 -27.21
CA GLY B 234 -5.40 -2.97 -27.15
C GLY B 234 -4.74 -2.62 -25.83
N GLU B 235 -5.40 -1.83 -24.99
CA GLU B 235 -4.79 -1.38 -23.75
C GLU B 235 -4.90 -2.44 -22.66
N ILE B 236 -3.81 -2.60 -21.90
CA ILE B 236 -3.80 -3.53 -20.77
C ILE B 236 -4.29 -2.80 -19.53
N ILE B 237 -5.25 -3.40 -18.83
CA ILE B 237 -5.79 -2.83 -17.60
C ILE B 237 -5.64 -3.87 -16.48
N PRO B 238 -4.63 -3.75 -15.62
CA PRO B 238 -4.45 -4.73 -14.56
C PRO B 238 -5.65 -4.74 -13.62
N MET B 239 -6.03 -5.94 -13.17
CA MET B 239 -7.19 -6.09 -12.30
C MET B 239 -6.86 -6.93 -11.08
N SER B 240 -5.57 -7.15 -10.79
CA SER B 240 -5.14 -7.89 -9.62
C SER B 240 -3.66 -7.64 -9.41
N SER B 241 -3.20 -7.93 -8.19
CA SER B 241 -1.78 -7.93 -7.86
C SER B 241 -1.44 -9.23 -7.15
N GLU B 242 -0.19 -9.67 -7.29
CA GLU B 242 0.24 -10.95 -6.75
C GLU B 242 0.78 -10.79 -5.34
N PHE B 243 0.51 -11.79 -4.51
CA PHE B 243 0.88 -11.79 -3.10
C PHE B 243 1.97 -12.82 -2.89
N THR B 244 3.20 -12.35 -2.79
CA THR B 244 4.40 -13.17 -2.68
C THR B 244 5.21 -12.69 -1.50
N PRO B 245 6.22 -13.47 -1.07
CA PRO B 245 7.15 -12.95 -0.04
C PRO B 245 7.72 -11.60 -0.36
N GLU B 246 7.85 -11.28 -1.64
CA GLU B 246 8.43 -10.00 -2.05
C GLU B 246 7.42 -8.87 -1.94
N THR B 247 6.24 -9.03 -2.54
CA THR B 247 5.22 -7.98 -2.47
C THR B 247 4.66 -7.80 -1.07
N GLU B 248 4.81 -8.80 -0.19
CA GLU B 248 4.27 -8.75 1.16
C GLU B 248 5.36 -8.70 2.22
N ARG B 249 6.57 -8.30 1.84
CA ARG B 249 7.72 -8.38 2.74
C ARG B 249 7.48 -7.60 4.03
N GLN B 250 7.01 -6.36 3.91
CA GLN B 250 6.90 -5.49 5.08
C GLN B 250 5.86 -6.01 6.06
N ARG B 251 4.71 -6.49 5.56
CA ARG B 251 3.74 -7.12 6.44
C ARG B 251 4.33 -8.33 7.13
N LEU B 252 5.10 -9.14 6.38
CA LEU B 252 5.65 -10.36 6.95
C LEU B 252 6.72 -10.06 8.00
N GLN B 253 7.61 -9.10 7.72
CA GLN B 253 8.60 -8.71 8.71
C GLN B 253 7.94 -8.07 9.92
N TYR B 254 6.88 -7.28 9.70
CA TYR B 254 6.15 -6.66 10.80
C TYR B 254 5.62 -7.71 11.77
N LEU B 255 4.99 -8.76 11.23
CA LEU B 255 4.40 -9.80 12.07
C LEU B 255 5.50 -10.56 12.83
N ALA B 256 6.56 -10.95 12.12
CA ALA B 256 7.67 -11.64 12.79
C ALA B 256 8.28 -10.79 13.89
N PHE B 257 8.30 -9.46 13.72
CA PHE B 257 8.84 -8.59 14.74
C PHE B 257 7.88 -8.45 15.92
N MET B 258 6.59 -8.26 15.64
CA MET B 258 5.60 -8.19 16.69
C MET B 258 5.46 -9.51 17.43
N GLN B 259 5.74 -10.63 16.77
CA GLN B 259 5.46 -11.96 17.31
C GLN B 259 6.68 -12.86 17.08
N PRO B 260 7.79 -12.59 17.77
CA PRO B 260 9.05 -13.29 17.44
C PRO B 260 8.99 -14.80 17.62
N HIS B 261 8.08 -15.30 18.46
CA HIS B 261 7.99 -16.75 18.68
C HIS B 261 7.63 -17.50 17.40
N LEU B 262 6.97 -16.83 16.46
CA LEU B 262 6.61 -17.49 15.20
C LEU B 262 7.84 -17.92 14.42
N LEU B 263 8.99 -17.28 14.66
CA LEU B 263 10.22 -17.68 13.99
C LEU B 263 10.83 -18.96 14.57
N GLY B 264 10.36 -19.41 15.74
CA GLY B 264 10.82 -20.66 16.31
C GLY B 264 12.31 -20.74 16.56
N ASN B 265 12.98 -19.59 16.71
CA ASN B 265 14.41 -19.52 17.00
C ASN B 265 15.27 -20.07 15.87
N GLU B 266 14.73 -20.20 14.67
CA GLU B 266 15.51 -20.64 13.52
C GLU B 266 15.67 -19.58 12.44
N PHE B 267 14.92 -18.49 12.52
CA PHE B 267 14.90 -17.48 11.47
C PHE B 267 15.12 -16.10 12.07
N THR B 268 15.50 -15.17 11.19
CA THR B 268 15.58 -13.76 11.51
C THR B 268 14.67 -12.98 10.55
N HIS B 269 14.04 -11.93 11.08
CA HIS B 269 13.10 -11.16 10.27
C HIS B 269 13.79 -10.18 9.33
N LEU B 270 15.08 -9.93 9.51
CA LEU B 270 15.79 -9.00 8.65
C LEU B 270 16.05 -9.62 7.28
N GLU B 271 16.05 -8.76 6.27
CA GLU B 271 16.31 -9.17 4.90
C GLU B 271 17.70 -8.69 4.51
N PHE B 272 18.41 -9.49 3.73
CA PHE B 272 19.77 -9.19 3.34
C PHE B 272 19.94 -9.40 1.85
N PRO B 273 20.86 -8.68 1.21
CA PRO B 273 21.02 -8.81 -0.25
C PRO B 273 21.43 -10.20 -0.69
N ARG B 274 22.03 -10.98 0.19
CA ARG B 274 22.41 -12.35 -0.09
C ARG B 274 22.44 -13.11 1.24
N ARG B 275 22.72 -14.39 1.17
CA ARG B 275 22.78 -15.21 2.37
C ARG B 275 23.93 -14.76 3.27
N VAL B 276 23.60 -14.38 4.50
CA VAL B 276 24.64 -14.00 5.46
C VAL B 276 25.46 -15.21 5.83
N GLN B 277 26.77 -15.09 5.74
CA GLN B 277 27.66 -16.21 6.02
C GLN B 277 28.57 -15.87 7.19
N ARG B 278 29.19 -16.94 7.71
CA ARG B 278 30.14 -16.82 8.81
C ARG B 278 31.16 -15.72 8.57
N LYS B 279 31.76 -15.70 7.39
CA LYS B 279 32.84 -14.77 7.08
C LYS B 279 32.43 -13.31 7.24
N GLU B 280 31.14 -13.02 7.12
CA GLU B 280 30.68 -11.64 7.29
C GLU B 280 30.48 -11.25 8.74
N LEU B 281 30.66 -12.17 9.69
CA LEU B 281 30.31 -11.89 11.08
C LEU B 281 31.20 -10.78 11.63
N GLY B 282 30.56 -9.75 12.17
CA GLY B 282 31.25 -8.57 12.65
C GLY B 282 31.52 -7.51 11.60
N LYS B 283 31.13 -7.76 10.35
CA LYS B 283 31.43 -6.87 9.25
C LYS B 283 30.18 -6.08 8.86
N LYS B 284 30.38 -5.08 8.01
CA LYS B 284 29.28 -4.24 7.53
C LYS B 284 28.57 -4.92 6.37
N MET B 285 27.25 -4.79 6.35
CA MET B 285 26.46 -5.42 5.30
C MET B 285 25.10 -4.72 5.21
N LEU B 286 24.59 -4.61 4.00
CA LEU B 286 23.27 -4.01 3.79
C LEU B 286 22.18 -4.89 4.39
N TYR B 287 21.10 -4.24 4.82
CA TYR B 287 19.96 -4.95 5.39
C TYR B 287 18.71 -4.11 5.17
N ARG B 288 17.56 -4.75 5.37
CA ARG B 288 16.28 -4.07 5.24
C ARG B 288 15.32 -4.58 6.30
N ASP B 289 14.72 -3.67 7.06
CA ASP B 289 13.78 -4.00 8.13
C ASP B 289 12.36 -3.69 7.66
N PHE B 290 11.39 -4.04 8.51
CA PHE B 290 9.98 -3.90 8.13
C PHE B 290 9.61 -2.44 7.87
N ASN B 291 10.31 -1.51 8.50
CA ASN B 291 10.00 -0.09 8.35
C ASN B 291 10.74 0.56 7.20
N MET B 292 11.49 -0.19 6.40
CA MET B 292 12.32 0.37 5.35
C MET B 292 11.90 -0.12 3.97
N THR B 293 11.95 0.79 3.00
CA THR B 293 11.89 0.46 1.59
C THR B 293 13.30 0.38 0.99
N GLY B 294 14.21 1.23 1.47
CA GLY B 294 15.60 1.20 1.03
C GLY B 294 16.44 0.29 1.90
N TRP B 295 17.75 0.35 1.66
CA TRP B 295 18.72 -0.47 2.39
C TRP B 295 19.68 0.43 3.16
N ALA B 296 20.20 -0.11 4.26
CA ALA B 296 21.18 0.61 5.08
C ALA B 296 22.18 -0.40 5.62
N TYR B 297 23.27 0.12 6.18
CA TYR B 297 24.35 -0.73 6.63
C TYR B 297 24.19 -1.12 8.09
N LYS B 298 24.85 -2.20 8.46
CA LYS B 298 24.67 -2.81 9.77
C LYS B 298 25.81 -3.78 10.02
N THR B 299 26.26 -3.84 11.27
CA THR B 299 27.25 -4.82 11.67
C THR B 299 26.55 -6.15 11.91
N ILE B 300 27.05 -7.20 11.26
CA ILE B 300 26.42 -8.52 11.32
C ILE B 300 26.71 -9.15 12.68
N GLU B 301 25.65 -9.46 13.41
CA GLU B 301 25.72 -10.17 14.69
C GLU B 301 25.33 -11.63 14.47
N ASP B 302 25.51 -12.44 15.52
CA ASP B 302 25.23 -13.87 15.39
C ASP B 302 23.77 -14.17 15.07
N GLU B 303 22.84 -13.27 15.40
CA GLU B 303 21.45 -13.50 15.06
C GLU B 303 21.22 -13.34 13.56
N ASP B 304 21.92 -12.40 12.93
CA ASP B 304 21.84 -12.21 11.49
C ASP B 304 22.28 -13.45 10.72
N LEU B 305 22.89 -14.43 11.39
CA LEU B 305 23.31 -15.66 10.74
C LEU B 305 22.17 -16.63 10.48
N LYS B 306 21.09 -16.53 11.25
CA LYS B 306 19.92 -17.37 11.03
C LYS B 306 19.38 -17.16 9.61
N PHE B 307 18.63 -18.15 9.12
CA PHE B 307 18.06 -18.02 7.79
C PHE B 307 17.02 -16.90 7.76
N PRO B 308 16.99 -16.09 6.71
CA PRO B 308 16.06 -14.96 6.69
C PRO B 308 14.62 -15.41 6.46
N LEU B 309 13.71 -14.71 7.13
CA LEU B 309 12.28 -14.95 6.91
C LEU B 309 11.91 -14.78 5.44
N ILE B 310 12.51 -13.80 4.79
CA ILE B 310 12.30 -13.55 3.36
C ILE B 310 13.63 -13.70 2.65
N TYR B 311 13.66 -14.58 1.65
CA TYR B 311 14.88 -14.89 0.92
C TYR B 311 14.57 -14.98 -0.57
N GLY B 312 15.55 -14.63 -1.40
CA GLY B 312 15.36 -14.65 -2.83
C GLY B 312 14.61 -13.43 -3.31
N GLU B 313 14.36 -13.39 -4.61
CA GLU B 313 13.71 -12.25 -5.24
C GLU B 313 12.92 -12.72 -6.45
N GLY B 314 11.93 -11.90 -6.82
CA GLY B 314 11.07 -12.23 -7.94
C GLY B 314 10.36 -13.55 -7.71
N LYS B 315 10.33 -14.39 -8.75
CA LYS B 315 9.68 -15.68 -8.65
C LYS B 315 10.47 -16.67 -7.78
N LYS B 316 11.62 -16.28 -7.25
CA LYS B 316 12.37 -17.12 -6.34
C LYS B 316 12.26 -16.68 -4.89
N ALA B 317 11.46 -15.65 -4.60
CA ALA B 317 11.28 -15.20 -3.23
C ALA B 317 10.51 -16.23 -2.42
N ARG B 318 10.92 -16.42 -1.17
CA ARG B 318 10.34 -17.45 -0.30
C ARG B 318 10.22 -16.94 1.13
N VAL B 319 9.12 -17.31 1.80
CA VAL B 319 8.94 -17.09 3.23
C VAL B 319 9.36 -18.36 3.95
N MET B 320 10.12 -18.20 5.04
CA MET B 320 10.44 -19.30 5.95
C MET B 320 11.09 -20.46 5.22
N ALA B 321 11.82 -20.16 4.14
CA ALA B 321 12.52 -21.15 3.32
C ALA B 321 11.60 -22.23 2.76
N THR B 322 10.32 -21.92 2.57
CA THR B 322 9.39 -23.01 2.26
C THR B 322 8.46 -22.73 1.10
N ILE B 323 7.88 -21.55 1.01
CA ILE B 323 6.79 -21.30 0.08
C ILE B 323 6.96 -19.91 -0.54
N GLY B 324 6.62 -19.81 -1.83
CA GLY B 324 6.76 -18.58 -2.58
C GLY B 324 5.49 -17.82 -2.88
N VAL B 325 4.36 -18.19 -2.27
CA VAL B 325 3.11 -17.44 -2.35
C VAL B 325 2.58 -17.32 -0.94
N THR B 326 1.98 -16.17 -0.61
CA THR B 326 1.67 -15.87 0.78
C THR B 326 0.18 -15.74 1.08
N ARG B 327 -0.69 -15.89 0.09
CA ARG B 327 -2.13 -15.81 0.34
C ARG B 327 -2.85 -16.94 -0.39
N GLY B 328 -3.99 -17.32 0.15
CA GLY B 328 -4.78 -18.40 -0.38
C GLY B 328 -5.48 -19.14 0.75
N LEU B 329 -5.85 -20.38 0.47
CA LEU B 329 -6.58 -21.22 1.40
C LEU B 329 -5.79 -22.48 1.72
N GLY B 330 -6.14 -23.11 2.83
CA GLY B 330 -5.47 -24.34 3.21
C GLY B 330 -4.12 -24.08 3.87
N ASP B 331 -3.23 -25.07 3.74
CA ASP B 331 -1.88 -25.04 4.30
C ASP B 331 -1.89 -24.90 5.82
N HIS B 332 -2.99 -25.31 6.48
CA HIS B 332 -3.11 -25.10 7.91
C HIS B 332 -2.03 -25.83 8.69
N ASP B 333 -1.57 -26.98 8.19
CA ASP B 333 -0.56 -27.78 8.87
C ASP B 333 0.80 -27.71 8.20
N LEU B 334 0.98 -26.80 7.24
CA LEU B 334 2.27 -26.66 6.58
C LEU B 334 3.33 -26.23 7.58
N LYS B 335 4.42 -26.99 7.64
CA LYS B 335 5.52 -26.70 8.55
C LYS B 335 6.82 -26.55 7.77
N VAL B 336 7.79 -25.87 8.40
CA VAL B 336 9.15 -25.84 7.89
C VAL B 336 9.73 -27.24 7.97
N HIS B 337 10.43 -27.64 6.90
CA HIS B 337 10.94 -29.00 6.80
C HIS B 337 11.71 -29.41 8.04
N ASP B 338 11.42 -30.62 8.53
CA ASP B 338 12.14 -31.23 9.65
C ASP B 338 12.03 -30.38 10.92
N SER B 339 10.86 -29.80 11.15
CA SER B 339 10.68 -28.92 12.31
C SER B 339 9.18 -28.80 12.61
N ASN B 340 8.90 -28.22 13.78
CA ASN B 340 7.54 -27.94 14.22
C ASN B 340 7.18 -26.47 14.10
N ILE B 341 7.77 -25.77 13.14
CA ILE B 341 7.46 -24.36 12.91
C ILE B 341 6.37 -24.27 11.87
N TYR B 342 5.26 -23.62 12.22
CA TYR B 342 4.10 -23.54 11.36
C TYR B 342 4.19 -22.32 10.43
N ILE B 343 3.82 -22.52 9.17
CA ILE B 343 3.87 -21.45 8.19
C ILE B 343 2.58 -20.61 8.18
N LYS B 344 1.43 -21.24 8.44
CA LYS B 344 0.11 -20.63 8.27
C LYS B 344 -0.07 -19.28 8.99
N PRO B 345 0.54 -19.05 10.16
CA PRO B 345 0.45 -17.70 10.76
C PRO B 345 0.91 -16.57 9.85
N PHE B 346 1.78 -16.85 8.87
CA PHE B 346 2.24 -15.80 7.97
C PHE B 346 1.40 -15.69 6.70
N LEU B 347 0.59 -16.70 6.40
CA LEU B 347 -0.29 -16.66 5.24
C LEU B 347 -1.61 -15.99 5.61
N SER B 348 -2.33 -15.55 4.59
CA SER B 348 -3.61 -14.86 4.77
C SER B 348 -4.59 -15.31 3.71
N SER B 349 -5.85 -15.49 4.10
CA SER B 349 -6.90 -15.79 3.16
C SER B 349 -7.61 -14.54 2.64
N ALA B 350 -7.19 -13.37 3.08
CA ALA B 350 -7.88 -12.13 2.76
C ALA B 350 -7.52 -11.67 1.36
N PRO B 351 -8.49 -11.46 0.48
CA PRO B 351 -8.19 -11.04 -0.89
C PRO B 351 -8.23 -9.53 -1.07
N GLU B 352 -7.57 -9.09 -2.15
CA GLU B 352 -7.71 -7.72 -2.64
C GLU B 352 -8.78 -7.71 -3.72
N VAL B 353 -9.70 -6.74 -3.63
CA VAL B 353 -10.81 -6.65 -4.56
C VAL B 353 -10.66 -5.39 -5.41
N ARG B 354 -10.79 -5.55 -6.71
CA ARG B 354 -10.80 -4.44 -7.65
C ARG B 354 -12.11 -4.45 -8.43
N ILE B 355 -12.61 -3.26 -8.74
CA ILE B 355 -13.90 -3.09 -9.39
C ILE B 355 -13.70 -2.51 -10.78
N TYR B 356 -14.46 -3.04 -11.75
CA TYR B 356 -14.53 -2.48 -13.09
C TYR B 356 -16.00 -2.21 -13.41
N ASP B 357 -16.32 -0.95 -13.70
CA ASP B 357 -17.70 -0.53 -13.95
C ASP B 357 -18.00 -0.71 -15.43
N LEU B 358 -18.82 -1.71 -15.75
CA LEU B 358 -19.09 -2.05 -17.15
C LEU B 358 -19.89 -0.96 -17.87
N SER B 359 -20.57 -0.09 -17.13
CA SER B 359 -21.44 0.90 -17.77
C SER B 359 -20.69 2.14 -18.22
N LYS B 360 -19.41 2.28 -17.90
CA LYS B 360 -18.63 3.44 -18.32
C LYS B 360 -18.02 3.26 -19.70
N TYR B 361 -18.14 2.10 -20.33
CA TYR B 361 -17.46 1.88 -21.60
C TYR B 361 -18.30 0.97 -22.48
N ASP B 362 -18.37 1.29 -23.77
CA ASP B 362 -19.04 0.43 -24.75
C ASP B 362 -17.97 -0.49 -25.34
N HIS B 363 -17.98 -1.74 -24.92
CA HIS B 363 -16.90 -2.66 -25.25
C HIS B 363 -17.15 -3.31 -26.61
N GLY B 364 -16.06 -3.51 -27.36
CA GLY B 364 -16.12 -4.21 -28.62
C GLY B 364 -16.03 -5.72 -28.44
N SER B 365 -16.11 -6.42 -29.57
CA SER B 365 -16.06 -7.88 -29.54
C SER B 365 -14.71 -8.42 -29.10
N ASP B 366 -13.66 -7.60 -29.17
CA ASP B 366 -12.31 -8.04 -28.84
C ASP B 366 -11.83 -7.53 -27.48
N ASP B 367 -12.67 -6.84 -26.73
CA ASP B 367 -12.32 -6.39 -25.38
C ASP B 367 -12.63 -7.52 -24.40
N VAL B 368 -11.60 -8.00 -23.70
CA VAL B 368 -11.70 -9.23 -22.93
C VAL B 368 -11.08 -9.06 -21.56
N LEU B 369 -11.51 -9.91 -20.63
CA LEU B 369 -10.90 -10.06 -19.31
C LEU B 369 -10.24 -11.43 -19.25
N ILE B 370 -8.93 -11.44 -19.05
CA ILE B 370 -8.15 -12.67 -19.00
C ILE B 370 -7.94 -13.06 -17.54
N LEU B 371 -8.25 -14.31 -17.22
CA LEU B 371 -7.90 -14.91 -15.93
C LEU B 371 -7.04 -16.13 -16.20
N ALA B 372 -5.93 -16.25 -15.46
CA ALA B 372 -5.05 -17.40 -15.64
C ALA B 372 -4.21 -17.63 -14.41
N THR B 373 -3.89 -18.90 -14.16
CA THR B 373 -2.95 -19.27 -13.11
C THR B 373 -1.52 -18.92 -13.55
N ASP B 374 -0.59 -19.00 -12.59
CA ASP B 374 0.78 -18.59 -12.89
C ASP B 374 1.43 -19.47 -13.94
N GLY B 375 0.85 -20.64 -14.24
CA GLY B 375 1.36 -21.44 -15.33
C GLY B 375 1.43 -20.67 -16.64
N LEU B 376 0.52 -19.73 -16.85
CA LEU B 376 0.60 -18.84 -18.01
C LEU B 376 1.59 -17.71 -17.76
N TRP B 377 1.36 -16.92 -16.71
CA TRP B 377 2.11 -15.69 -16.50
C TRP B 377 3.59 -15.93 -16.18
N ASP B 378 3.97 -17.13 -15.76
CA ASP B 378 5.37 -17.39 -15.45
C ASP B 378 6.25 -17.41 -16.69
N VAL B 379 5.66 -17.53 -17.88
CA VAL B 379 6.44 -17.49 -19.12
C VAL B 379 5.97 -16.40 -20.07
N LEU B 380 4.75 -15.88 -19.94
CA LEU B 380 4.26 -14.84 -20.84
C LEU B 380 3.97 -13.57 -20.05
N SER B 381 4.48 -12.45 -20.54
CA SER B 381 4.18 -11.16 -19.93
C SER B 381 2.78 -10.70 -20.32
N ASN B 382 2.31 -9.65 -19.64
CA ASN B 382 1.04 -9.05 -20.02
C ASN B 382 1.06 -8.57 -21.47
N GLU B 383 2.20 -8.08 -21.92
CA GLU B 383 2.31 -7.54 -23.28
C GLU B 383 2.18 -8.64 -24.33
N GLU B 384 2.84 -9.79 -24.10
CA GLU B 384 2.71 -10.90 -25.04
C GLU B 384 1.26 -11.39 -25.11
N VAL B 385 0.64 -11.56 -23.94
CA VAL B 385 -0.77 -11.98 -23.90
C VAL B 385 -1.63 -10.99 -24.68
N ALA B 386 -1.44 -9.70 -24.41
CA ALA B 386 -2.15 -8.66 -25.16
C ALA B 386 -1.89 -8.80 -26.65
N GLU B 387 -0.62 -8.93 -27.02
CA GLU B 387 -0.26 -9.10 -28.43
C GLU B 387 -0.87 -10.36 -29.00
N ALA B 388 -0.90 -11.45 -28.22
CA ALA B 388 -1.48 -12.69 -28.70
C ALA B 388 -2.98 -12.57 -28.93
N ILE B 389 -3.69 -11.94 -27.99
CA ILE B 389 -5.14 -11.82 -28.12
C ILE B 389 -5.51 -10.90 -29.28
N THR B 390 -4.82 -9.77 -29.42
CA THR B 390 -5.17 -8.80 -30.44
C THR B 390 -4.79 -9.24 -31.85
N GLN B 391 -3.90 -10.23 -31.99
CA GLN B 391 -3.64 -10.81 -33.29
C GLN B 391 -4.48 -12.04 -33.58
N PHE B 392 -5.00 -12.71 -32.55
CA PHE B 392 -5.80 -13.91 -32.77
C PHE B 392 -7.25 -13.57 -33.09
N LEU B 393 -7.88 -12.72 -32.28
CA LEU B 393 -9.30 -12.47 -32.38
C LEU B 393 -9.74 -11.82 -33.70
N PRO B 394 -8.98 -10.88 -34.28
CA PRO B 394 -9.38 -10.34 -35.58
C PRO B 394 -9.48 -11.35 -36.71
N ASN B 395 -9.07 -12.61 -36.49
CA ASN B 395 -9.25 -13.66 -37.48
C ASN B 395 -10.50 -14.49 -37.23
N CYS B 396 -11.33 -14.10 -36.27
CA CYS B 396 -12.55 -14.82 -35.93
C CYS B 396 -13.76 -13.91 -36.09
N ASP B 397 -14.83 -14.47 -36.66
CA ASP B 397 -16.08 -13.73 -36.78
C ASP B 397 -16.58 -13.30 -35.41
N PRO B 398 -17.00 -12.04 -35.25
CA PRO B 398 -17.47 -11.59 -33.92
C PRO B 398 -18.66 -12.36 -33.39
N ASP B 399 -19.42 -13.02 -34.26
CA ASP B 399 -20.60 -13.77 -33.86
C ASP B 399 -20.31 -15.22 -33.49
N ASP B 400 -19.10 -15.70 -33.74
CA ASP B 400 -18.73 -17.07 -33.45
C ASP B 400 -18.60 -17.26 -31.94
N PRO B 401 -19.49 -18.01 -31.28
CA PRO B 401 -19.39 -18.14 -29.82
C PRO B 401 -18.13 -18.86 -29.38
N HIS B 402 -17.48 -19.61 -30.27
CA HIS B 402 -16.28 -20.36 -29.94
C HIS B 402 -15.02 -19.50 -29.92
N ARG B 403 -15.11 -18.27 -30.47
CA ARG B 403 -14.05 -17.27 -30.48
C ARG B 403 -13.13 -17.33 -29.28
N TYR B 404 -13.71 -17.07 -28.11
CA TYR B 404 -12.93 -16.83 -26.91
C TYR B 404 -12.33 -18.12 -26.37
N THR B 405 -13.01 -19.25 -26.57
CA THR B 405 -12.41 -20.54 -26.25
C THR B 405 -11.17 -20.77 -27.09
N LEU B 406 -11.25 -20.50 -28.39
CA LEU B 406 -10.09 -20.64 -29.26
C LEU B 406 -8.98 -19.69 -28.86
N ALA B 407 -9.34 -18.47 -28.45
CA ALA B 407 -8.33 -17.54 -27.94
C ALA B 407 -7.70 -18.06 -26.66
N ALA B 408 -8.49 -18.68 -25.80
CA ALA B 408 -7.95 -19.27 -24.58
C ALA B 408 -6.96 -20.38 -24.91
N GLN B 409 -7.34 -21.26 -25.84
CA GLN B 409 -6.46 -22.35 -26.26
C GLN B 409 -5.18 -21.83 -26.90
N ASP B 410 -5.27 -20.72 -27.64
CA ASP B 410 -4.08 -20.14 -28.24
C ASP B 410 -3.12 -19.62 -27.17
N LEU B 411 -3.67 -19.07 -26.08
CA LEU B 411 -2.81 -18.61 -24.98
C LEU B 411 -2.11 -19.79 -24.28
N VAL B 412 -2.85 -20.88 -24.05
CA VAL B 412 -2.25 -22.04 -23.38
C VAL B 412 -1.17 -22.66 -24.26
N MET B 413 -1.43 -22.77 -25.56
CA MET B 413 -0.41 -23.32 -26.47
C MET B 413 0.84 -22.45 -26.47
N ARG B 414 0.66 -21.13 -26.39
CA ARG B 414 1.80 -20.23 -26.43
C ARG B 414 2.65 -20.33 -25.17
N ALA B 415 2.04 -20.74 -24.05
CA ALA B 415 2.80 -20.93 -22.83
C ALA B 415 3.36 -22.33 -22.70
N ARG B 416 2.66 -23.33 -23.22
CA ARG B 416 3.08 -24.71 -23.07
C ARG B 416 4.19 -25.08 -24.03
N GLY B 417 4.01 -24.78 -25.32
CA GLY B 417 5.04 -25.02 -26.31
C GLY B 417 5.03 -26.43 -26.87
N VAL B 418 6.13 -26.78 -27.51
CA VAL B 418 6.31 -28.08 -28.14
C VAL B 418 7.50 -28.77 -27.49
N LEU B 419 7.40 -30.09 -27.34
CA LEU B 419 8.43 -30.89 -26.69
C LEU B 419 9.24 -31.66 -27.73
N LYS B 420 10.56 -31.55 -27.65
CA LYS B 420 11.44 -32.36 -28.50
C LYS B 420 12.45 -33.08 -27.63
N ASP B 421 13.74 -32.77 -27.80
CA ASP B 421 14.80 -33.38 -27.00
C ASP B 421 15.39 -32.42 -25.97
N ARG B 422 14.91 -31.18 -25.92
CA ARG B 422 15.53 -30.13 -25.12
C ARG B 422 14.52 -29.47 -24.20
N GLY B 423 13.51 -30.21 -23.77
CA GLY B 423 12.48 -29.67 -22.91
C GLY B 423 11.42 -28.91 -23.70
N TRP B 424 10.38 -28.51 -22.99
CA TRP B 424 9.28 -27.77 -23.62
C TRP B 424 9.76 -26.39 -24.04
N ARG B 425 9.51 -26.07 -25.31
CA ARG B 425 10.02 -24.86 -25.93
C ARG B 425 8.87 -24.02 -26.49
N ILE B 426 8.89 -22.73 -26.21
CA ILE B 426 7.96 -21.78 -26.82
C ILE B 426 8.77 -20.89 -27.76
N SER B 427 8.19 -19.73 -28.12
CA SER B 427 8.78 -18.91 -29.16
C SER B 427 10.18 -18.42 -28.76
N ASN B 428 11.01 -18.19 -29.78
CA ASN B 428 12.39 -17.73 -29.59
C ASN B 428 13.19 -18.68 -28.70
N ASP B 429 12.87 -19.97 -28.78
CA ASP B 429 13.56 -21.04 -28.06
C ASP B 429 13.45 -20.92 -26.55
N ARG B 430 12.55 -20.08 -26.03
CA ARG B 430 12.38 -19.99 -24.60
C ARG B 430 11.79 -21.28 -24.05
N LEU B 431 12.06 -21.54 -22.78
CA LEU B 431 11.50 -22.71 -22.13
C LEU B 431 10.00 -22.55 -21.97
N GLY B 432 9.24 -23.58 -22.37
CA GLY B 432 7.82 -23.59 -22.11
C GLY B 432 7.52 -23.80 -20.64
N SER B 433 6.25 -23.59 -20.29
CA SER B 433 5.82 -23.77 -18.92
C SER B 433 5.51 -25.24 -18.65
N GLY B 434 6.15 -25.80 -17.63
CA GLY B 434 5.90 -27.16 -17.21
C GLY B 434 4.84 -27.30 -16.15
N ASP B 435 4.14 -26.21 -15.85
CA ASP B 435 3.12 -26.14 -14.81
C ASP B 435 1.74 -26.45 -15.39
N ASP B 436 0.80 -26.71 -14.49
CA ASP B 436 -0.61 -26.66 -14.87
C ASP B 436 -0.92 -25.25 -15.37
N ILE B 437 -1.77 -25.17 -16.39
CA ILE B 437 -2.16 -23.90 -16.97
C ILE B 437 -3.67 -23.90 -17.17
N SER B 438 -4.33 -22.83 -16.72
CA SER B 438 -5.78 -22.67 -16.89
C SER B 438 -6.06 -21.22 -17.25
N VAL B 439 -6.84 -21.01 -18.31
CA VAL B 439 -7.09 -19.68 -18.85
C VAL B 439 -8.58 -19.48 -19.07
N TYR B 440 -9.11 -18.37 -18.56
CA TYR B 440 -10.42 -17.84 -18.93
C TYR B 440 -10.23 -16.65 -19.87
N VAL B 441 -11.09 -16.55 -20.88
CA VAL B 441 -11.17 -15.37 -21.73
C VAL B 441 -12.62 -14.88 -21.67
N ILE B 442 -12.85 -13.82 -20.93
CA ILE B 442 -14.19 -13.32 -20.63
C ILE B 442 -14.48 -12.13 -21.54
N PRO B 443 -15.45 -12.21 -22.43
CA PRO B 443 -15.72 -11.09 -23.35
C PRO B 443 -16.58 -10.03 -22.69
N LEU B 444 -16.04 -8.81 -22.60
CA LEU B 444 -16.73 -7.70 -21.94
C LEU B 444 -17.86 -7.11 -22.78
N ILE B 445 -18.00 -7.51 -24.05
CA ILE B 445 -19.12 -7.02 -24.85
C ILE B 445 -20.44 -7.48 -24.26
N HIS B 446 -20.47 -8.67 -23.66
CA HIS B 446 -21.68 -9.20 -23.06
C HIS B 446 -22.00 -8.58 -21.70
N GLY B 447 -21.14 -7.70 -21.21
CA GLY B 447 -21.42 -6.92 -20.02
C GLY B 447 -21.89 -5.52 -20.30
N ASN B 448 -22.08 -5.16 -21.57
CA ASN B 448 -22.51 -3.82 -21.92
C ASN B 448 -23.93 -3.55 -21.42
N LYS B 449 -24.11 -2.36 -20.86
CA LYS B 449 -25.39 -1.79 -20.47
C LYS B 449 -26.51 -2.00 -21.50
N LEU B 450 -27.77 -1.95 -21.05
CA LEU B 450 -28.96 -2.09 -21.89
C LEU B 450 -28.95 -3.31 -22.80
MN MN C . -0.64 22.52 11.55
MN MN D . 1.08 22.34 14.91
MN MN E . -3.53 18.07 10.38
MN MN F . 0.83 -22.99 -10.79
MN MN G . -0.25 -25.64 -8.51
MN MN H . 3.78 -18.91 -8.69
MG MG I . -23.56 -28.67 -11.63
MG MG J . -22.76 -12.68 -28.12
#